data_3KV5
#
_entry.id   3KV5
#
_cell.length_a   62.7
_cell.length_b   125.6
_cell.length_c   206.1
_cell.angle_alpha   90.00
_cell.angle_beta   90.00
_cell.angle_gamma   90.00
#
_symmetry.space_group_name_H-M   'P 21 21 21'
#
loop_
_entity.id
_entity.type
_entity.pdbx_description
1 polymer 'JmjC domain-containing histone demethylation protein 1D'
2 non-polymer 'ZINC ION'
3 non-polymer 'FE (II) ION'
4 non-polymer 'SULFATE ION'
5 non-polymer N-OXALYLGLYCINE
6 water water
#
_entity_poly.entity_id   1
_entity_poly.type   'polypeptide(L)'
_entity_poly.pdbx_seq_one_letter_code
;MAGAAAAVAAGAAAGAAAAAVSVAAPGRASAPPPPPPVYCVCRQPYDVNRFMIECDICKDWFHGSCVGVEEHHAVDIDLY
HCPNCAVLHGSSLMKKRRNWHRHDYTEIDDGSKPVQAGTRTFIKELRSRVFPSADEIIIKMHGSQLTQRYLEKHGFDVPI
MVPKLDDLGLRLPSPTFSVMDVERYVGGDKVIDVIDVARQADSKMTLHNYVKYFMNPNRPKVLNVISLEFSDTKMSELVE
VPDIAKKLSWVENYWPDDSVFPKPFVQKYCLMGVQDSYTDFHIDFGGTSVWYHVLWGEKIFYLIKPTDENLARYESWSSS
VTQSEVFFGDKVDKCYKCVVKQGHTLFVPTGWIHAVLTSQDCMAFGGNFLHNLNIGMQLRCYEMEKRLKTPDLFKFPFFE
AICWFVAKNLLETLKELREDGFQPQTYLVQGVKALHTALKLWMKKELVSEHAFEIPDNVRPGHLIKELSKVIRAIEEENG
KPVKSQGI
;
_entity_poly.pdbx_strand_id   D,A
#
# COMPACT_ATOMS: atom_id res chain seq x y z
N PRO A 32 73.04 23.53 26.95
CA PRO A 32 71.70 23.43 27.61
C PRO A 32 70.61 24.22 26.86
N PRO A 33 69.85 23.53 25.99
CA PRO A 33 68.77 24.14 25.21
C PRO A 33 67.52 24.45 26.04
N PRO A 34 66.84 25.57 25.72
CA PRO A 34 65.63 25.92 26.47
C PRO A 34 64.63 24.77 26.36
N PRO A 35 64.04 24.37 27.49
CA PRO A 35 63.07 23.27 27.52
C PRO A 35 61.69 23.68 26.98
N PRO A 36 60.73 22.75 27.02
CA PRO A 36 59.37 23.03 26.54
C PRO A 36 58.77 24.20 27.33
N PRO A 37 58.12 25.14 26.64
CA PRO A 37 57.50 26.28 27.34
C PRO A 37 56.40 25.82 28.28
N VAL A 38 56.16 26.61 29.32
CA VAL A 38 55.14 26.28 30.31
C VAL A 38 54.12 27.41 30.31
N TYR A 39 52.84 27.06 30.17
CA TYR A 39 51.77 28.05 30.09
C TYR A 39 50.60 27.83 31.04
N CYS A 40 49.63 28.73 30.95
CA CYS A 40 48.37 28.66 31.71
C CYS A 40 48.50 28.67 33.24
N VAL A 41 47.37 28.75 33.93
CA VAL A 41 47.36 28.76 35.39
C VAL A 41 47.66 27.37 35.96
N CYS A 42 47.39 26.34 35.16
CA CYS A 42 47.66 24.97 35.60
C CYS A 42 49.18 24.71 35.53
N ARG A 43 49.87 25.59 34.80
CA ARG A 43 51.32 25.52 34.62
C ARG A 43 51.81 24.21 34.03
N GLN A 44 51.65 24.04 32.73
CA GLN A 44 52.14 22.82 32.13
C GLN A 44 52.56 22.96 30.67
N PRO A 45 53.36 22.00 30.18
CA PRO A 45 53.87 21.98 28.80
C PRO A 45 52.75 22.12 27.80
N TYR A 46 53.08 22.66 26.64
CA TYR A 46 52.08 22.84 25.60
C TYR A 46 51.58 21.50 25.07
N ASP A 47 50.27 21.36 25.03
CA ASP A 47 49.61 20.15 24.54
C ASP A 47 48.93 20.54 23.23
N VAL A 48 49.38 19.95 22.13
CA VAL A 48 48.84 20.28 20.81
C VAL A 48 47.37 19.92 20.61
N ASN A 49 46.82 19.05 21.46
CA ASN A 49 45.42 18.66 21.32
C ASN A 49 44.48 19.52 22.15
N ARG A 50 44.99 20.61 22.72
CA ARG A 50 44.16 21.47 23.56
C ARG A 50 44.14 22.91 23.09
N PHE A 51 42.93 23.45 23.00
CA PHE A 51 42.70 24.82 22.58
C PHE A 51 43.26 25.83 23.58
N MET A 52 44.02 26.80 23.08
CA MET A 52 44.59 27.82 23.96
C MET A 52 44.36 29.21 23.41
N ILE A 53 44.27 30.18 24.32
CA ILE A 53 44.05 31.56 23.91
C ILE A 53 45.09 32.44 24.63
N GLU A 54 45.55 33.49 23.97
CA GLU A 54 46.56 34.36 24.57
C GLU A 54 46.04 35.66 25.17
N CYS A 55 46.51 35.99 26.38
CA CYS A 55 46.13 37.21 27.05
C CYS A 55 46.99 38.35 26.50
N ASP A 56 46.32 39.37 25.98
CA ASP A 56 46.98 40.53 25.40
C ASP A 56 47.74 41.38 26.43
N ILE A 57 47.42 41.19 27.71
CA ILE A 57 48.09 41.96 28.74
C ILE A 57 49.37 41.25 29.19
N CYS A 58 49.25 40.13 29.88
CA CYS A 58 50.42 39.40 30.35
C CYS A 58 51.16 38.59 29.28
N LYS A 59 50.51 38.33 28.15
CA LYS A 59 51.12 37.59 27.04
C LYS A 59 51.37 36.11 27.29
N ASP A 60 50.72 35.56 28.31
CA ASP A 60 50.86 34.14 28.57
C ASP A 60 49.75 33.45 27.76
N TRP A 61 49.70 32.13 27.79
CA TRP A 61 48.67 31.42 27.04
C TRP A 61 47.87 30.56 27.97
N PHE A 62 46.58 30.45 27.71
CA PHE A 62 45.72 29.66 28.59
C PHE A 62 44.82 28.67 27.87
N HIS A 63 44.62 27.51 28.50
CA HIS A 63 43.71 26.51 27.96
C HIS A 63 42.33 27.10 28.19
N GLY A 64 41.50 27.12 27.15
CA GLY A 64 40.16 27.66 27.30
C GLY A 64 39.40 26.98 28.43
N SER A 65 39.65 25.69 28.62
CA SER A 65 38.97 24.94 29.67
C SER A 65 39.40 25.35 31.08
N CYS A 66 40.58 25.96 31.21
CA CYS A 66 41.07 26.37 32.53
C CYS A 66 40.59 27.78 32.88
N VAL A 67 40.10 28.51 31.87
CA VAL A 67 39.63 29.87 32.13
C VAL A 67 38.20 30.12 31.65
N GLY A 68 37.52 29.05 31.25
CA GLY A 68 36.13 29.18 30.83
C GLY A 68 35.85 29.80 29.47
N VAL A 69 36.62 29.43 28.46
CA VAL A 69 36.39 29.94 27.11
C VAL A 69 36.25 28.77 26.14
N GLU A 70 35.07 28.59 25.59
CA GLU A 70 34.81 27.52 24.65
C GLU A 70 35.48 27.83 23.32
N GLU A 71 35.86 26.81 22.58
CA GLU A 71 36.50 27.03 21.29
C GLU A 71 35.65 27.88 20.36
N HIS A 72 34.32 27.72 20.42
CA HIS A 72 33.43 28.50 19.56
C HIS A 72 33.39 29.96 19.95
N HIS A 73 33.72 30.25 21.21
CA HIS A 73 33.71 31.62 21.69
C HIS A 73 34.99 32.38 21.30
N ALA A 74 36.01 31.64 20.86
CA ALA A 74 37.28 32.26 20.47
C ALA A 74 37.17 33.33 19.38
N VAL A 75 36.37 33.06 18.35
CA VAL A 75 36.21 34.02 17.27
C VAL A 75 35.46 35.31 17.66
N ASP A 76 34.84 35.34 18.84
CA ASP A 76 34.11 36.55 19.27
C ASP A 76 35.04 37.53 19.99
N ILE A 77 36.14 37.00 20.50
CA ILE A 77 37.13 37.76 21.24
C ILE A 77 38.11 38.49 20.36
N ASP A 78 38.26 39.80 20.59
CA ASP A 78 39.21 40.60 19.84
C ASP A 78 40.52 40.54 20.61
N LEU A 79 40.53 41.02 21.85
CA LEU A 79 41.72 40.98 22.69
C LEU A 79 41.36 40.33 24.02
N TYR A 80 41.89 39.14 24.24
CA TYR A 80 41.59 38.40 25.45
C TYR A 80 42.33 38.86 26.70
N HIS A 81 41.58 38.96 27.81
CA HIS A 81 42.16 39.34 29.10
C HIS A 81 41.94 38.15 30.04
N CYS A 82 43.01 37.61 30.62
CA CYS A 82 42.87 36.48 31.55
C CYS A 82 42.23 36.98 32.84
N PRO A 83 41.66 36.05 33.64
CA PRO A 83 41.01 36.41 34.91
C PRO A 83 41.82 37.32 35.82
N ASN A 84 43.11 37.05 35.96
CA ASN A 84 43.93 37.88 36.82
C ASN A 84 44.17 39.28 36.27
N CYS A 85 44.45 39.37 34.98
CA CYS A 85 44.68 40.69 34.39
C CYS A 85 43.38 41.49 34.35
N ALA A 86 42.26 40.80 34.29
CA ALA A 86 40.95 41.46 34.20
C ALA A 86 40.54 42.26 35.43
N VAL A 87 41.01 41.88 36.61
CA VAL A 87 40.62 42.63 37.82
C VAL A 87 41.10 44.08 37.78
N LEU A 88 42.13 44.35 36.99
CA LEU A 88 42.64 45.71 36.86
C LEU A 88 42.44 46.31 35.47
N HIS A 89 42.37 45.46 34.46
CA HIS A 89 42.21 45.95 33.09
C HIS A 89 40.84 45.68 32.49
N GLY A 90 39.94 45.11 33.29
CA GLY A 90 38.61 44.82 32.79
C GLY A 90 38.56 43.59 31.91
N SER A 91 37.35 43.13 31.63
CA SER A 91 37.12 41.94 30.80
C SER A 91 37.58 42.10 29.35
N SER A 92 37.72 40.96 28.66
CA SER A 92 38.17 40.92 27.27
C SER A 92 37.44 41.84 26.32
N LEU A 93 38.16 42.33 25.34
CA LEU A 93 37.61 43.19 24.31
C LEU A 93 36.92 42.30 23.28
N MET A 94 35.60 42.40 23.17
CA MET A 94 34.86 41.57 22.22
C MET A 94 34.70 42.24 20.87
N LYS A 95 34.41 41.44 19.85
CA LYS A 95 34.20 41.99 18.52
C LYS A 95 32.79 42.54 18.51
N LYS A 96 32.55 43.55 17.68
CA LYS A 96 31.25 44.18 17.63
C LYS A 96 30.35 43.68 16.50
N ARG A 97 29.09 43.45 16.80
CA ARG A 97 28.15 42.99 15.77
C ARG A 97 27.65 44.20 14.98
N ARG A 98 27.52 44.03 13.67
CA ARG A 98 27.04 45.12 12.83
C ARG A 98 25.92 44.63 11.92
N ASN A 99 25.77 43.31 11.78
CA ASN A 99 24.74 42.75 10.92
C ASN A 99 24.12 41.45 11.44
N TRP A 100 23.01 41.06 10.81
CA TRP A 100 22.29 39.85 11.17
C TRP A 100 22.28 38.84 10.02
N HIS A 101 22.91 39.18 8.90
CA HIS A 101 22.86 38.30 7.75
C HIS A 101 24.17 37.70 7.24
N ARG A 102 25.26 37.84 7.99
CA ARG A 102 26.55 37.32 7.53
C ARG A 102 27.29 36.43 8.53
N HIS A 103 28.07 35.49 8.01
CA HIS A 103 28.84 34.60 8.86
C HIS A 103 29.78 35.44 9.72
N ASP A 104 30.28 36.53 9.15
CA ASP A 104 31.15 37.46 9.84
C ASP A 104 30.24 38.61 10.28
N TYR A 105 29.77 38.55 11.52
CA TYR A 105 28.86 39.59 12.00
C TYR A 105 29.47 40.97 12.22
N THR A 106 30.76 41.13 11.94
CA THR A 106 31.38 42.45 12.11
C THR A 106 31.34 43.28 10.84
N GLU A 107 31.13 42.64 9.69
CA GLU A 107 31.05 43.34 8.40
C GLU A 107 30.00 44.46 8.47
N ILE A 108 30.25 45.56 7.76
CA ILE A 108 29.30 46.66 7.77
C ILE A 108 27.97 46.26 7.15
N ASP A 109 26.90 46.83 7.68
CA ASP A 109 25.56 46.54 7.19
C ASP A 109 25.15 47.55 6.12
N ASP A 110 25.95 47.63 5.05
CA ASP A 110 25.65 48.57 3.97
C ASP A 110 24.74 48.01 2.88
N GLY A 111 24.52 46.69 2.91
CA GLY A 111 23.65 46.05 1.93
C GLY A 111 24.32 45.56 0.66
N SER A 112 25.63 45.37 0.70
CA SER A 112 26.36 44.92 -0.48
C SER A 112 26.62 43.42 -0.51
N LYS A 113 26.39 42.75 0.62
CA LYS A 113 26.61 41.32 0.69
C LYS A 113 25.30 40.57 0.86
N PRO A 114 25.21 39.38 0.26
CA PRO A 114 24.02 38.51 0.33
C PRO A 114 23.92 37.74 1.64
N VAL A 115 22.70 37.46 2.05
CA VAL A 115 22.43 36.71 3.27
C VAL A 115 23.13 35.36 3.20
N GLN A 116 23.73 34.91 4.31
CA GLN A 116 24.39 33.61 4.32
C GLN A 116 23.63 32.62 5.21
N ALA A 117 23.76 31.32 4.91
CA ALA A 117 23.07 30.27 5.64
C ALA A 117 23.35 30.17 7.15
N GLY A 118 22.29 29.98 7.92
CA GLY A 118 22.42 29.85 9.37
C GLY A 118 22.30 31.14 10.16
N THR A 119 22.44 32.28 9.49
CA THR A 119 22.38 33.58 10.15
C THR A 119 20.94 33.89 10.58
N ARG A 120 20.78 34.85 11.48
CA ARG A 120 19.44 35.19 11.95
C ARG A 120 18.54 35.59 10.79
N THR A 121 19.05 36.43 9.90
CA THR A 121 18.26 36.88 8.76
C THR A 121 17.85 35.71 7.88
N PHE A 122 18.76 34.75 7.70
CA PHE A 122 18.50 33.57 6.90
C PHE A 122 17.32 32.77 7.46
N ILE A 123 17.36 32.49 8.75
CA ILE A 123 16.28 31.73 9.38
C ILE A 123 14.96 32.47 9.23
N LYS A 124 15.03 33.79 9.22
CA LYS A 124 13.83 34.60 9.07
C LYS A 124 13.25 34.38 7.68
N GLU A 125 14.09 34.45 6.66
CA GLU A 125 13.63 34.26 5.29
C GLU A 125 13.15 32.83 5.08
N LEU A 126 13.84 31.87 5.71
CA LEU A 126 13.44 30.47 5.57
C LEU A 126 12.07 30.20 6.18
N ARG A 127 11.81 30.76 7.37
CA ARG A 127 10.51 30.56 8.01
C ARG A 127 9.36 31.17 7.23
N SER A 128 9.64 32.18 6.41
CA SER A 128 8.59 32.82 5.64
C SER A 128 8.44 32.25 4.22
N ARG A 129 9.41 31.43 3.79
CA ARG A 129 9.33 30.83 2.45
C ARG A 129 8.17 29.84 2.36
N VAL A 130 7.66 29.66 1.15
CA VAL A 130 6.56 28.73 0.91
C VAL A 130 7.08 27.59 0.06
N PHE A 131 6.82 26.36 0.51
CA PHE A 131 7.26 25.17 -0.22
C PHE A 131 6.09 24.21 -0.40
N PRO A 132 6.23 23.26 -1.33
CA PRO A 132 5.13 22.31 -1.51
C PRO A 132 5.24 21.32 -0.35
N SER A 133 4.11 20.98 0.27
CA SER A 133 4.12 20.07 1.39
C SER A 133 4.68 18.70 1.01
N ALA A 134 5.45 18.10 1.91
CA ALA A 134 6.03 16.79 1.66
C ALA A 134 4.94 15.75 1.51
N ASP A 135 3.72 16.09 1.91
CA ASP A 135 2.60 15.17 1.81
C ASP A 135 2.40 14.72 0.37
N GLU A 136 2.94 15.50 -0.57
CA GLU A 136 2.82 15.17 -1.98
C GLU A 136 3.62 13.93 -2.40
N ILE A 137 4.75 13.67 -1.74
CA ILE A 137 5.59 12.53 -2.13
C ILE A 137 5.85 11.44 -1.10
N ILE A 138 5.93 11.79 0.18
CA ILE A 138 6.22 10.76 1.17
C ILE A 138 5.07 9.79 1.32
N ILE A 139 5.39 8.65 1.88
CA ILE A 139 4.41 7.61 2.11
C ILE A 139 4.29 7.40 3.60
N LYS A 140 3.06 7.42 4.10
CA LYS A 140 2.81 7.22 5.52
C LYS A 140 2.31 5.80 5.70
N MET A 141 2.79 5.13 6.74
CA MET A 141 2.38 3.76 6.97
C MET A 141 2.63 3.33 8.39
N HIS A 142 2.12 2.16 8.76
CA HIS A 142 2.31 1.65 10.11
C HIS A 142 3.56 0.77 10.08
N GLY A 143 4.24 0.68 11.21
CA GLY A 143 5.44 -0.12 11.31
C GLY A 143 5.26 -1.55 10.86
N SER A 144 4.13 -2.15 11.20
CA SER A 144 3.87 -3.53 10.83
C SER A 144 3.91 -3.76 9.32
N GLN A 145 3.75 -2.69 8.54
CA GLN A 145 3.77 -2.80 7.08
C GLN A 145 5.15 -2.58 6.48
N LEU A 146 6.04 -1.95 7.24
CA LEU A 146 7.38 -1.67 6.75
C LEU A 146 8.33 -2.87 6.81
N THR A 147 8.26 -3.71 5.78
CA THR A 147 9.08 -4.92 5.72
C THR A 147 9.99 -4.92 4.50
N GLN A 148 10.95 -5.84 4.50
CA GLN A 148 11.86 -5.95 3.37
C GLN A 148 11.04 -6.35 2.15
N ARG A 149 10.06 -7.22 2.37
CA ARG A 149 9.18 -7.68 1.30
C ARG A 149 8.51 -6.47 0.67
N TYR A 150 7.96 -5.61 1.51
CA TYR A 150 7.28 -4.41 1.03
C TYR A 150 8.18 -3.52 0.18
N LEU A 151 9.43 -3.33 0.64
CA LEU A 151 10.38 -2.48 -0.06
C LEU A 151 10.87 -3.07 -1.38
N GLU A 152 11.01 -4.38 -1.43
CA GLU A 152 11.45 -5.05 -2.66
C GLU A 152 10.39 -4.91 -3.74
N LYS A 153 9.12 -4.96 -3.34
CA LYS A 153 8.03 -4.82 -4.29
C LYS A 153 7.79 -3.39 -4.75
N HIS A 154 7.76 -2.46 -3.80
CA HIS A 154 7.49 -1.06 -4.13
C HIS A 154 8.75 -0.23 -4.26
N GLY A 155 9.87 -0.77 -3.80
CA GLY A 155 11.12 -0.05 -3.86
C GLY A 155 11.23 0.91 -2.69
N PHE A 156 12.38 1.57 -2.57
CA PHE A 156 12.61 2.52 -1.51
C PHE A 156 13.28 3.73 -2.12
N ASP A 157 12.47 4.63 -2.68
CA ASP A 157 13.02 5.82 -3.31
C ASP A 157 12.30 7.10 -2.94
N VAL A 158 11.45 7.02 -1.93
CA VAL A 158 10.74 8.20 -1.43
C VAL A 158 10.76 8.08 0.08
N PRO A 159 10.77 9.22 0.78
CA PRO A 159 10.79 9.17 2.25
C PRO A 159 9.52 8.51 2.78
N ILE A 160 9.64 7.84 3.92
CA ILE A 160 8.52 7.18 4.57
C ILE A 160 8.34 7.76 5.97
N MET A 161 7.10 8.09 6.31
CA MET A 161 6.79 8.63 7.62
C MET A 161 6.03 7.58 8.41
N VAL A 162 6.42 7.33 9.65
CA VAL A 162 5.72 6.38 10.50
C VAL A 162 5.33 7.11 11.79
N PRO A 163 4.08 7.60 11.87
CA PRO A 163 3.52 8.33 13.01
C PRO A 163 3.58 7.64 14.36
N LYS A 164 3.32 6.34 14.40
CA LYS A 164 3.34 5.60 15.66
C LYS A 164 4.57 4.70 15.74
N LEU A 165 5.04 4.46 16.95
CA LEU A 165 6.20 3.60 17.16
C LEU A 165 5.85 2.12 17.04
N ASP A 166 4.54 1.82 17.06
CA ASP A 166 4.04 0.45 17.00
C ASP A 166 4.63 -0.44 15.91
N ASP A 167 5.15 -1.59 16.32
CA ASP A 167 5.68 -2.58 15.39
C ASP A 167 6.94 -2.22 14.61
N LEU A 168 7.55 -1.09 14.91
CA LEU A 168 8.77 -0.71 14.21
C LEU A 168 9.98 -1.46 14.77
N GLY A 169 9.90 -1.83 16.05
CA GLY A 169 11.02 -2.54 16.66
C GLY A 169 12.02 -1.54 17.20
N LEU A 170 11.67 -0.26 17.09
CA LEU A 170 12.51 0.82 17.56
C LEU A 170 12.30 1.06 19.05
N ARG A 171 13.34 0.85 19.84
CA ARG A 171 13.26 1.07 21.27
C ARG A 171 14.01 2.36 21.62
N LEU A 172 13.35 3.24 22.38
CA LEU A 172 13.98 4.50 22.76
C LEU A 172 13.71 4.81 24.21
N PRO A 173 14.43 5.78 24.78
CA PRO A 173 14.16 6.09 26.18
C PRO A 173 12.81 6.80 26.28
N SER A 174 12.26 6.89 27.47
CA SER A 174 10.98 7.56 27.68
C SER A 174 10.90 8.95 27.05
N PRO A 175 9.68 9.44 26.81
CA PRO A 175 9.51 10.77 26.22
C PRO A 175 9.94 11.86 27.21
N THR A 176 10.27 11.46 28.43
CA THR A 176 10.71 12.41 29.43
C THR A 176 12.24 12.52 29.51
N PHE A 177 12.94 11.72 28.71
CA PHE A 177 14.41 11.74 28.68
C PHE A 177 14.86 13.13 28.26
N SER A 178 15.67 13.78 29.08
CA SER A 178 16.15 15.13 28.77
C SER A 178 17.64 15.14 28.51
N VAL A 179 18.16 16.33 28.19
CA VAL A 179 19.58 16.49 27.93
C VAL A 179 20.39 16.21 29.20
N MET A 180 19.79 16.44 30.36
CA MET A 180 20.51 16.17 31.59
C MET A 180 20.64 14.65 31.76
N ASP A 181 19.67 13.92 31.23
CA ASP A 181 19.67 12.45 31.28
C ASP A 181 20.77 11.93 30.37
N VAL A 182 20.93 12.57 29.22
CA VAL A 182 21.95 12.16 28.28
C VAL A 182 23.31 12.29 28.94
N GLU A 183 23.51 13.36 29.69
CA GLU A 183 24.78 13.56 30.36
C GLU A 183 25.03 12.44 31.36
N ARG A 184 23.98 12.05 32.08
CA ARG A 184 24.10 11.00 33.07
C ARG A 184 24.50 9.64 32.48
N TYR A 185 23.98 9.29 31.31
CA TYR A 185 24.33 8.02 30.69
C TYR A 185 25.60 8.05 29.85
N VAL A 186 25.91 9.19 29.25
CA VAL A 186 27.10 9.27 28.42
C VAL A 186 28.33 9.74 29.17
N GLY A 187 28.12 10.61 30.14
CA GLY A 187 29.23 11.15 30.91
C GLY A 187 29.53 12.57 30.45
N GLY A 188 29.50 13.51 31.40
CA GLY A 188 29.74 14.90 31.08
C GLY A 188 31.10 15.25 30.49
N ASP A 189 32.09 14.39 30.68
CA ASP A 189 33.42 14.69 30.16
C ASP A 189 33.61 14.32 28.70
N LYS A 190 32.64 13.65 28.10
CA LYS A 190 32.79 13.27 26.71
C LYS A 190 32.88 14.50 25.81
N VAL A 191 33.81 14.44 24.86
CA VAL A 191 33.99 15.55 23.92
C VAL A 191 33.11 15.29 22.70
N ILE A 192 32.39 16.31 22.26
CA ILE A 192 31.50 16.21 21.11
C ILE A 192 31.70 17.34 20.11
N ASP A 193 31.26 17.12 18.88
CA ASP A 193 31.38 18.12 17.85
C ASP A 193 30.16 19.03 17.85
N VAL A 194 30.40 20.32 17.97
CA VAL A 194 29.33 21.31 18.01
C VAL A 194 29.41 22.20 16.77
N ILE A 195 28.28 22.75 16.38
CA ILE A 195 28.24 23.62 15.21
C ILE A 195 27.74 25.00 15.57
N ASP A 196 28.57 26.02 15.28
CA ASP A 196 28.20 27.42 15.51
C ASP A 196 27.43 27.70 14.23
N VAL A 197 26.12 27.47 14.28
CA VAL A 197 25.22 27.61 13.14
C VAL A 197 25.27 28.91 12.34
N ALA A 198 25.39 30.05 13.02
CA ALA A 198 25.42 31.32 12.31
C ALA A 198 26.74 31.51 11.55
N ARG A 199 27.71 30.64 11.80
CA ARG A 199 29.00 30.70 11.11
C ARG A 199 29.18 29.44 10.29
N GLN A 200 28.35 28.43 10.55
CA GLN A 200 28.44 27.14 9.88
C GLN A 200 29.85 26.59 10.10
N ALA A 201 30.35 26.77 11.33
CA ALA A 201 31.69 26.31 11.70
C ALA A 201 31.60 25.25 12.80
N ASP A 202 32.58 24.36 12.86
CA ASP A 202 32.57 23.28 13.84
C ASP A 202 33.67 23.39 14.87
N SER A 203 33.36 22.99 16.09
CA SER A 203 34.33 23.03 17.17
C SER A 203 33.99 21.91 18.14
N LYS A 204 34.62 21.92 19.31
CA LYS A 204 34.37 20.88 20.29
C LYS A 204 34.13 21.40 21.69
N MET A 205 33.27 20.71 22.42
CA MET A 205 32.95 21.06 23.80
C MET A 205 32.75 19.74 24.51
N THR A 206 32.74 19.77 25.83
CA THR A 206 32.48 18.56 26.57
C THR A 206 30.96 18.55 26.63
N LEU A 207 30.36 17.37 26.70
CA LEU A 207 28.91 17.25 26.76
C LEU A 207 28.38 18.06 27.93
N HIS A 208 29.11 18.04 29.04
CA HIS A 208 28.71 18.77 30.24
C HIS A 208 28.50 20.26 29.96
N ASN A 209 29.45 20.86 29.26
CA ASN A 209 29.35 22.28 28.93
C ASN A 209 28.22 22.55 27.95
N TYR A 210 28.00 21.62 27.02
CA TYR A 210 26.92 21.79 26.07
C TYR A 210 25.55 21.74 26.77
N VAL A 211 25.40 20.82 27.72
CA VAL A 211 24.15 20.70 28.46
C VAL A 211 23.92 21.97 29.29
N LYS A 212 25.01 22.52 29.82
CA LYS A 212 24.93 23.73 30.62
C LYS A 212 24.43 24.88 29.72
N TYR A 213 24.88 24.87 28.47
CA TYR A 213 24.47 25.88 27.51
C TYR A 213 23.00 25.70 27.14
N PHE A 214 22.59 24.45 26.98
CA PHE A 214 21.23 24.12 26.60
C PHE A 214 20.19 24.42 27.66
N MET A 215 20.55 24.22 28.93
CA MET A 215 19.61 24.46 30.02
C MET A 215 19.28 25.92 30.27
N ASN A 216 20.21 26.81 29.93
CA ASN A 216 19.97 28.25 30.09
C ASN A 216 19.11 28.66 28.90
N PRO A 217 17.82 29.00 29.14
CA PRO A 217 16.94 29.40 28.03
C PRO A 217 17.42 30.60 27.21
N ASN A 218 18.30 31.42 27.79
CA ASN A 218 18.84 32.59 27.08
C ASN A 218 20.19 32.20 26.48
N ARG A 219 20.19 31.93 25.17
CA ARG A 219 21.41 31.52 24.50
C ARG A 219 22.16 32.63 23.77
N PRO A 220 23.43 32.84 24.11
CA PRO A 220 24.22 33.88 23.46
C PRO A 220 24.32 33.62 21.94
N LYS A 221 24.19 32.36 21.55
CA LYS A 221 24.23 32.00 20.14
C LYS A 221 23.60 30.63 19.94
N VAL A 222 23.38 30.27 18.68
CA VAL A 222 22.76 29.00 18.33
C VAL A 222 23.81 27.92 18.07
N LEU A 223 23.82 26.92 18.93
CA LEU A 223 24.76 25.82 18.83
C LEU A 223 24.01 24.56 18.52
N ASN A 224 24.61 23.71 17.70
CA ASN A 224 23.95 22.50 17.29
C ASN A 224 24.85 21.27 17.39
N VAL A 225 24.26 20.15 17.82
CA VAL A 225 25.00 18.92 17.94
C VAL A 225 24.32 17.91 17.02
N ILE A 226 25.04 17.39 16.04
CA ILE A 226 24.42 16.45 15.14
C ILE A 226 25.17 15.14 14.90
N SER A 227 26.25 14.90 15.63
CA SER A 227 26.99 13.66 15.40
C SER A 227 27.49 12.93 16.63
N LEU A 228 26.72 12.96 17.70
CA LEU A 228 27.14 12.26 18.92
C LEU A 228 26.75 10.77 18.79
N GLU A 229 27.71 9.93 18.41
CA GLU A 229 27.46 8.50 18.26
C GLU A 229 27.70 7.89 19.63
N PHE A 230 26.67 7.25 20.18
CA PHE A 230 26.76 6.68 21.51
C PHE A 230 26.79 5.15 21.65
N SER A 231 27.00 4.44 20.54
CA SER A 231 27.06 2.98 20.56
C SER A 231 28.10 2.44 21.53
N ASP A 232 29.01 3.30 21.96
CA ASP A 232 30.07 2.88 22.86
C ASP A 232 29.83 3.30 24.30
N THR A 233 28.63 3.77 24.59
CA THR A 233 28.35 4.25 25.94
C THR A 233 27.20 3.53 26.65
N LYS A 234 27.01 3.90 27.90
CA LYS A 234 25.95 3.35 28.74
C LYS A 234 24.59 3.61 28.09
N MET A 235 24.49 4.69 27.33
CA MET A 235 23.22 5.03 26.69
C MET A 235 22.84 4.13 25.53
N SER A 236 23.79 3.33 25.06
CA SER A 236 23.51 2.43 23.94
C SER A 236 22.45 1.39 24.30
N GLU A 237 22.33 1.07 25.59
CA GLU A 237 21.35 0.09 26.05
C GLU A 237 19.93 0.63 25.97
N LEU A 238 19.79 1.96 25.91
CA LEU A 238 18.49 2.58 25.86
C LEU A 238 17.86 2.58 24.48
N VAL A 239 18.67 2.33 23.46
CA VAL A 239 18.17 2.35 22.10
C VAL A 239 18.39 1.07 21.32
N GLU A 240 17.43 0.80 20.43
CA GLU A 240 17.44 -0.35 19.52
C GLU A 240 16.90 0.22 18.22
N VAL A 241 17.74 0.26 17.19
CA VAL A 241 17.33 0.82 15.91
C VAL A 241 16.14 0.04 15.36
N PRO A 242 15.46 0.61 14.35
CA PRO A 242 14.30 -0.01 13.69
C PRO A 242 14.63 -1.35 13.03
N ASP A 243 13.71 -2.31 13.11
CA ASP A 243 13.91 -3.64 12.52
C ASP A 243 14.28 -3.61 11.03
N ILE A 244 13.57 -2.79 10.27
CA ILE A 244 13.85 -2.72 8.85
C ILE A 244 15.29 -2.27 8.59
N ALA A 245 15.86 -1.52 9.53
CA ALA A 245 17.22 -1.03 9.41
C ALA A 245 18.22 -2.16 9.65
N LYS A 246 18.01 -2.91 10.72
CA LYS A 246 18.87 -4.03 11.08
C LYS A 246 18.76 -5.15 10.06
N LYS A 247 17.65 -5.18 9.35
CA LYS A 247 17.37 -6.19 8.33
C LYS A 247 18.07 -5.88 7.01
N LEU A 248 18.07 -4.62 6.62
CA LEU A 248 18.69 -4.21 5.37
C LEU A 248 20.16 -3.81 5.48
N SER A 249 20.61 -3.48 6.69
CA SER A 249 21.99 -3.03 6.92
C SER A 249 23.13 -3.93 6.45
N TRP A 250 23.95 -3.40 5.54
CA TRP A 250 25.10 -4.14 5.03
C TRP A 250 26.00 -4.53 6.19
N VAL A 251 26.43 -3.55 6.96
CA VAL A 251 27.31 -3.80 8.11
C VAL A 251 26.74 -4.91 9.00
N GLU A 252 25.41 -4.95 9.12
CA GLU A 252 24.77 -5.96 9.94
C GLU A 252 24.75 -7.33 9.26
N ASN A 253 24.62 -7.35 7.94
CA ASN A 253 24.54 -8.61 7.20
C ASN A 253 25.78 -9.16 6.48
N TYR A 254 26.75 -8.31 6.16
CA TYR A 254 27.90 -8.81 5.45
C TYR A 254 29.29 -8.49 6.01
N TRP A 255 29.35 -7.83 7.15
CA TRP A 255 30.65 -7.47 7.71
C TRP A 255 31.14 -8.48 8.74
N PRO A 256 32.16 -9.26 8.39
CA PRO A 256 32.72 -10.26 9.31
C PRO A 256 33.40 -9.53 10.46
N ASP A 257 33.28 -10.07 11.68
CA ASP A 257 33.89 -9.43 12.83
C ASP A 257 35.34 -9.88 13.07
N ASP A 258 35.91 -10.56 12.09
CA ASP A 258 37.30 -11.03 12.18
C ASP A 258 38.16 -10.26 11.19
N SER A 259 37.75 -9.03 10.89
CA SER A 259 38.49 -8.18 9.96
C SER A 259 39.47 -7.28 10.71
N VAL A 260 40.56 -6.92 10.04
CA VAL A 260 41.56 -6.06 10.65
C VAL A 260 41.02 -4.65 10.83
N PHE A 261 40.21 -4.20 9.86
CA PHE A 261 39.62 -2.87 9.91
C PHE A 261 38.54 -2.81 11.00
N PRO A 262 38.49 -1.72 11.78
CA PRO A 262 37.50 -1.57 12.84
C PRO A 262 36.06 -1.46 12.32
N LYS A 263 35.15 -2.16 12.98
CA LYS A 263 33.73 -2.16 12.61
C LYS A 263 33.17 -0.73 12.63
N PRO A 264 32.57 -0.30 11.51
CA PRO A 264 31.99 1.05 11.38
C PRO A 264 30.64 1.23 12.07
N PHE A 265 30.63 2.01 13.15
CA PHE A 265 29.40 2.26 13.90
C PHE A 265 28.83 3.64 13.65
N VAL A 266 27.82 3.68 12.79
CA VAL A 266 27.13 4.90 12.42
C VAL A 266 25.65 4.58 12.53
N GLN A 267 25.33 3.77 13.54
CA GLN A 267 23.98 3.32 13.77
C GLN A 267 23.20 4.07 14.86
N LYS A 268 23.91 4.58 15.86
CA LYS A 268 23.22 5.28 16.94
C LYS A 268 23.72 6.69 17.24
N TYR A 269 22.95 7.68 16.79
CA TYR A 269 23.29 9.08 17.01
C TYR A 269 22.25 9.83 17.82
N CYS A 270 22.73 10.68 18.73
CA CYS A 270 21.86 11.51 19.53
C CYS A 270 21.99 12.91 18.97
N LEU A 271 20.88 13.50 18.55
CA LEU A 271 20.89 14.86 18.02
C LEU A 271 20.23 15.81 19.02
N MET A 272 20.90 16.92 19.31
CA MET A 272 20.38 17.93 20.23
C MET A 272 20.67 19.27 19.61
N GLY A 273 19.63 20.07 19.40
CA GLY A 273 19.83 21.39 18.81
C GLY A 273 18.79 22.35 19.34
N VAL A 274 19.21 23.59 19.60
CA VAL A 274 18.29 24.60 20.11
C VAL A 274 17.47 25.18 18.97
N GLN A 275 16.42 25.92 19.30
CA GLN A 275 15.58 26.54 18.29
C GLN A 275 16.44 27.34 17.31
N ASP A 276 16.17 27.14 16.02
CA ASP A 276 16.86 27.80 14.91
C ASP A 276 18.16 27.15 14.46
N SER A 277 18.45 25.95 14.92
CA SER A 277 19.66 25.29 14.46
C SER A 277 19.37 25.03 12.99
N TYR A 278 20.40 24.99 12.16
CA TYR A 278 20.17 24.76 10.75
C TYR A 278 21.33 24.04 10.11
N THR A 279 21.03 22.93 9.46
CA THR A 279 22.04 22.14 8.76
C THR A 279 21.66 22.33 7.30
N ASP A 280 22.63 22.73 6.48
CA ASP A 280 22.33 22.98 5.07
C ASP A 280 22.22 21.71 4.23
N PHE A 281 21.74 21.89 3.00
CA PHE A 281 21.54 20.81 2.06
C PHE A 281 22.75 19.90 1.89
N HIS A 282 22.50 18.60 2.00
CA HIS A 282 23.58 17.64 1.87
C HIS A 282 23.01 16.26 1.60
N ILE A 283 23.91 15.33 1.34
CA ILE A 283 23.56 13.94 1.08
C ILE A 283 24.39 13.17 2.07
N ASP A 284 23.78 12.23 2.77
CA ASP A 284 24.51 11.46 3.74
C ASP A 284 25.67 10.69 3.14
N PHE A 285 26.72 10.57 3.94
CA PHE A 285 27.93 9.88 3.53
C PHE A 285 27.66 8.48 2.95
N GLY A 286 28.32 8.20 1.83
CA GLY A 286 28.17 6.90 1.18
C GLY A 286 26.77 6.63 0.69
N GLY A 287 26.00 7.69 0.45
CA GLY A 287 24.64 7.51 0.00
C GLY A 287 23.81 6.69 0.96
N THR A 288 24.19 6.65 2.23
CA THR A 288 23.45 5.88 3.22
C THR A 288 22.02 6.35 3.34
N SER A 289 21.17 5.46 3.84
CA SER A 289 19.77 5.77 4.07
C SER A 289 19.69 6.11 5.55
N VAL A 290 18.70 6.89 5.93
CA VAL A 290 18.60 7.31 7.32
C VAL A 290 17.21 7.14 7.93
N TRP A 291 17.21 6.95 9.25
CA TRP A 291 15.98 6.87 10.01
C TRP A 291 16.11 7.96 11.09
N TYR A 292 15.02 8.70 11.32
CA TYR A 292 15.02 9.78 12.28
C TYR A 292 13.79 9.73 13.17
N HIS A 293 14.00 9.90 14.47
CA HIS A 293 12.88 9.92 15.39
C HIS A 293 13.04 11.10 16.33
N VAL A 294 12.01 11.95 16.41
CA VAL A 294 12.06 13.10 17.31
C VAL A 294 11.48 12.78 18.70
N LEU A 295 12.33 12.77 19.72
CA LEU A 295 11.89 12.51 21.09
C LEU A 295 11.07 13.69 21.58
N TRP A 296 11.59 14.89 21.37
CA TRP A 296 10.84 16.09 21.70
C TRP A 296 11.34 17.27 20.92
N GLY A 297 10.42 18.19 20.66
CA GLY A 297 10.74 19.36 19.88
C GLY A 297 10.14 19.15 18.51
N GLU A 298 10.66 19.85 17.51
CA GLU A 298 10.14 19.74 16.15
C GLU A 298 11.28 19.98 15.19
N LYS A 299 11.33 19.20 14.12
CA LYS A 299 12.35 19.37 13.10
C LYS A 299 11.68 19.43 11.74
N ILE A 300 12.13 20.36 10.92
CA ILE A 300 11.57 20.54 9.60
C ILE A 300 12.60 20.17 8.55
N PHE A 301 12.26 19.17 7.72
CA PHE A 301 13.16 18.73 6.67
C PHE A 301 12.78 19.35 5.33
N TYR A 302 13.79 19.66 4.53
CA TYR A 302 13.60 20.22 3.20
C TYR A 302 14.21 19.18 2.27
N LEU A 303 13.34 18.43 1.59
CA LEU A 303 13.77 17.33 0.72
C LEU A 303 13.73 17.56 -0.78
N ILE A 304 14.78 17.10 -1.46
CA ILE A 304 14.89 17.23 -2.91
C ILE A 304 15.16 15.86 -3.51
N LYS A 305 14.35 15.45 -4.48
CA LYS A 305 14.51 14.15 -5.12
C LYS A 305 15.85 14.08 -5.85
N PRO A 306 16.58 12.97 -5.68
CA PRO A 306 17.88 12.78 -6.32
C PRO A 306 17.87 12.39 -7.80
N THR A 307 17.35 13.27 -8.64
CA THR A 307 17.29 13.05 -10.09
C THR A 307 18.67 13.35 -10.66
N ASP A 308 18.96 12.88 -11.87
CA ASP A 308 20.27 13.14 -12.48
C ASP A 308 20.51 14.65 -12.49
N GLU A 309 19.48 15.40 -12.85
CA GLU A 309 19.53 16.86 -12.92
C GLU A 309 19.89 17.45 -11.55
N ASN A 310 19.05 17.19 -10.56
CA ASN A 310 19.27 17.71 -9.22
C ASN A 310 20.63 17.30 -8.68
N LEU A 311 21.03 16.06 -8.93
CA LEU A 311 22.32 15.58 -8.47
C LEU A 311 23.45 16.39 -9.10
N ALA A 312 23.26 16.79 -10.36
CA ALA A 312 24.28 17.56 -11.07
C ALA A 312 24.37 18.97 -10.50
N ARG A 313 23.23 19.63 -10.36
CA ARG A 313 23.20 20.98 -9.83
C ARG A 313 23.79 20.98 -8.42
N TYR A 314 23.43 19.97 -7.65
CA TYR A 314 23.91 19.84 -6.29
C TYR A 314 25.43 19.82 -6.26
N GLU A 315 26.04 19.01 -7.11
CA GLU A 315 27.50 18.93 -7.13
C GLU A 315 28.11 20.29 -7.49
N SER A 316 27.49 21.00 -8.42
CA SER A 316 27.97 22.31 -8.83
C SER A 316 27.88 23.30 -7.67
N TRP A 317 26.73 23.30 -7.01
CA TRP A 317 26.47 24.18 -5.87
C TRP A 317 27.40 23.83 -4.72
N SER A 318 27.46 22.55 -4.41
CA SER A 318 28.28 22.05 -3.33
C SER A 318 29.75 22.46 -3.43
N SER A 319 30.24 22.67 -4.64
CA SER A 319 31.63 23.06 -4.84
C SER A 319 31.74 24.51 -5.32
N SER A 320 30.67 25.26 -5.14
CA SER A 320 30.65 26.66 -5.55
C SER A 320 31.28 27.52 -4.47
N VAL A 321 31.75 28.71 -4.85
CA VAL A 321 32.37 29.63 -3.89
C VAL A 321 31.35 30.63 -3.39
N THR A 322 30.15 30.58 -3.93
CA THR A 322 29.11 31.50 -3.51
C THR A 322 28.04 30.67 -2.77
N GLN A 323 28.38 29.41 -2.53
CA GLN A 323 27.51 28.45 -1.85
C GLN A 323 26.75 28.97 -0.63
N SER A 324 27.46 29.45 0.37
CA SER A 324 26.85 29.97 1.58
C SER A 324 25.82 31.07 1.31
N GLU A 325 25.79 31.56 0.09
CA GLU A 325 24.89 32.65 -0.28
C GLU A 325 23.76 32.22 -1.22
N VAL A 326 23.77 30.95 -1.61
CA VAL A 326 22.75 30.44 -2.52
C VAL A 326 21.91 29.37 -1.85
N PHE A 327 20.61 29.60 -1.75
CA PHE A 327 19.72 28.63 -1.15
C PHE A 327 19.42 27.55 -2.18
N PHE A 328 20.13 26.44 -2.12
CA PHE A 328 19.96 25.35 -3.08
C PHE A 328 18.51 25.00 -3.35
N GLY A 329 17.65 25.24 -2.37
CA GLY A 329 16.24 24.95 -2.51
C GLY A 329 15.63 25.67 -3.70
N ASP A 330 16.28 26.73 -4.17
CA ASP A 330 15.80 27.50 -5.30
C ASP A 330 16.40 27.04 -6.63
N LYS A 331 17.42 26.19 -6.58
CA LYS A 331 18.07 25.73 -7.80
C LYS A 331 17.38 24.51 -8.41
N VAL A 332 16.36 23.99 -7.75
CA VAL A 332 15.65 22.81 -8.25
C VAL A 332 14.15 23.07 -8.42
N ASP A 333 13.52 22.24 -9.24
CA ASP A 333 12.10 22.36 -9.52
C ASP A 333 11.24 22.26 -8.27
N LYS A 334 11.48 21.25 -7.44
CA LYS A 334 10.70 21.08 -6.22
C LYS A 334 11.46 20.70 -4.96
N CYS A 335 11.27 21.51 -3.93
CA CYS A 335 11.89 21.30 -2.62
C CYS A 335 10.72 21.13 -1.65
N TYR A 336 10.55 19.91 -1.15
CA TYR A 336 9.43 19.61 -0.26
C TYR A 336 9.68 19.86 1.22
N LYS A 337 8.70 20.47 1.88
CA LYS A 337 8.77 20.77 3.29
C LYS A 337 8.09 19.66 4.09
N CYS A 338 8.84 19.06 5.01
CA CYS A 338 8.33 17.97 5.81
C CYS A 338 8.51 18.20 7.32
N VAL A 339 7.41 18.42 8.03
CA VAL A 339 7.48 18.66 9.45
C VAL A 339 7.48 17.35 10.20
N VAL A 340 8.43 17.18 11.11
CA VAL A 340 8.48 15.96 11.91
C VAL A 340 8.26 16.33 13.35
N LYS A 341 7.06 16.05 13.85
CA LYS A 341 6.70 16.36 15.23
C LYS A 341 7.18 15.27 16.17
N GLN A 342 7.26 15.58 17.46
CA GLN A 342 7.73 14.62 18.43
C GLN A 342 6.86 13.38 18.46
N GLY A 343 7.53 12.23 18.49
CA GLY A 343 6.86 10.95 18.49
C GLY A 343 6.89 10.30 17.11
N HIS A 344 7.18 11.09 16.08
CA HIS A 344 7.21 10.58 14.70
C HIS A 344 8.57 10.10 14.22
N THR A 345 8.54 9.17 13.28
CA THR A 345 9.76 8.59 12.71
C THR A 345 9.78 8.76 11.20
N LEU A 346 10.90 9.21 10.67
CA LEU A 346 11.06 9.42 9.24
C LEU A 346 12.20 8.57 8.69
N PHE A 347 11.99 8.01 7.50
CA PHE A 347 13.03 7.20 6.83
C PHE A 347 13.29 7.90 5.51
N VAL A 348 14.53 8.35 5.31
CA VAL A 348 14.90 9.04 4.07
C VAL A 348 15.79 8.10 3.27
N PRO A 349 15.37 7.77 2.05
CA PRO A 349 16.13 6.86 1.19
C PRO A 349 17.42 7.39 0.56
N THR A 350 18.14 6.46 -0.05
CA THR A 350 19.40 6.70 -0.72
C THR A 350 19.50 7.94 -1.61
N GLY A 351 20.52 8.74 -1.34
CA GLY A 351 20.81 9.92 -2.12
C GLY A 351 19.92 11.13 -2.06
N TRP A 352 18.90 11.15 -1.23
CA TRP A 352 18.06 12.35 -1.19
C TRP A 352 18.82 13.52 -0.62
N ILE A 353 18.66 14.67 -1.26
CA ILE A 353 19.30 15.91 -0.86
C ILE A 353 18.39 16.59 0.15
N HIS A 354 18.90 16.88 1.34
CA HIS A 354 18.08 17.52 2.35
C HIS A 354 18.79 18.49 3.29
N ALA A 355 18.00 19.41 3.84
CA ALA A 355 18.47 20.42 4.78
C ALA A 355 17.52 20.31 5.99
N VAL A 356 17.97 20.74 7.16
CA VAL A 356 17.14 20.64 8.35
C VAL A 356 17.10 21.91 9.19
N LEU A 357 15.90 22.28 9.63
CA LEU A 357 15.71 23.43 10.49
C LEU A 357 15.10 22.93 11.79
N THR A 358 15.60 23.41 12.91
CA THR A 358 15.06 23.00 14.21
C THR A 358 14.14 24.13 14.64
N SER A 359 12.84 23.90 14.58
CA SER A 359 11.89 24.95 14.94
C SER A 359 11.62 25.11 16.44
N GLN A 360 11.87 24.06 17.21
CA GLN A 360 11.69 24.06 18.65
C GLN A 360 12.90 23.36 19.25
N ASP A 361 13.29 23.72 20.49
CA ASP A 361 14.42 23.05 21.14
C ASP A 361 14.15 21.58 20.91
N CYS A 362 15.14 20.87 20.40
CA CYS A 362 14.92 19.50 20.02
C CYS A 362 15.93 18.42 20.39
N MET A 363 15.42 17.22 20.61
CA MET A 363 16.26 16.06 20.89
C MET A 363 15.75 14.91 20.02
N ALA A 364 16.62 14.35 19.20
CA ALA A 364 16.24 13.26 18.32
C ALA A 364 17.27 12.14 18.32
N PHE A 365 16.89 11.01 17.74
CA PHE A 365 17.77 9.87 17.60
C PHE A 365 17.71 9.44 16.16
N GLY A 366 18.83 8.96 15.64
CA GLY A 366 18.87 8.53 14.25
C GLY A 366 20.01 7.59 13.96
N GLY A 367 19.99 7.04 12.75
CA GLY A 367 21.04 6.11 12.37
C GLY A 367 21.11 5.97 10.88
N ASN A 368 22.23 5.44 10.39
CA ASN A 368 22.44 5.26 8.97
C ASN A 368 22.63 3.77 8.65
N PHE A 369 22.46 3.43 7.39
CA PHE A 369 22.65 2.04 6.95
C PHE A 369 22.65 1.95 5.43
N LEU A 370 23.46 1.03 4.91
CA LEU A 370 23.56 0.80 3.47
C LEU A 370 22.78 -0.49 3.19
N HIS A 371 22.28 -0.65 1.97
CA HIS A 371 21.52 -1.84 1.63
C HIS A 371 21.54 -2.15 0.13
N ASN A 372 20.88 -3.23 -0.26
CA ASN A 372 20.86 -3.67 -1.65
C ASN A 372 19.85 -3.03 -2.60
N LEU A 373 18.85 -2.36 -2.06
CA LEU A 373 17.81 -1.78 -2.90
C LEU A 373 18.23 -0.70 -3.90
N ASN A 374 19.28 0.05 -3.58
CA ASN A 374 19.74 1.11 -4.48
C ASN A 374 21.27 1.18 -4.53
N ILE A 375 21.92 0.03 -4.67
CA ILE A 375 23.38 -0.03 -4.71
C ILE A 375 23.98 0.98 -5.67
N GLY A 376 23.44 1.05 -6.89
CA GLY A 376 23.95 1.98 -7.88
C GLY A 376 23.96 3.42 -7.42
N MET A 377 22.91 3.84 -6.74
CA MET A 377 22.80 5.20 -6.24
C MET A 377 23.82 5.41 -5.11
N GLN A 378 24.01 4.40 -4.28
CA GLN A 378 24.96 4.48 -3.18
C GLN A 378 26.38 4.74 -3.67
N LEU A 379 26.79 4.01 -4.70
CA LEU A 379 28.12 4.15 -5.28
C LEU A 379 28.23 5.51 -5.96
N ARG A 380 27.19 5.86 -6.70
CA ARG A 380 27.15 7.12 -7.40
C ARG A 380 27.39 8.29 -6.44
N CYS A 381 26.85 8.18 -5.23
CA CYS A 381 27.02 9.23 -4.23
C CYS A 381 28.41 9.18 -3.64
N TYR A 382 28.92 7.98 -3.44
CA TYR A 382 30.26 7.81 -2.88
C TYR A 382 31.26 8.46 -3.84
N GLU A 383 31.09 8.19 -5.12
CA GLU A 383 31.96 8.75 -6.13
C GLU A 383 31.89 10.27 -6.07
N MET A 384 30.70 10.80 -5.87
CA MET A 384 30.54 12.24 -5.79
C MET A 384 31.25 12.78 -4.55
N GLU A 385 31.35 11.97 -3.50
CA GLU A 385 32.03 12.41 -2.30
C GLU A 385 33.51 12.59 -2.60
N LYS A 386 34.13 11.57 -3.19
CA LYS A 386 35.54 11.62 -3.52
C LYS A 386 35.89 12.79 -4.44
N ARG A 387 35.00 13.17 -5.34
CA ARG A 387 35.27 14.29 -6.23
C ARG A 387 35.11 15.64 -5.54
N LEU A 388 34.10 15.77 -4.69
CA LEU A 388 33.89 17.02 -3.96
C LEU A 388 34.98 17.14 -2.91
N LYS A 389 35.93 16.23 -2.95
CA LYS A 389 37.06 16.21 -2.02
C LYS A 389 36.59 16.14 -0.58
N THR A 390 35.35 15.73 -0.37
CA THR A 390 34.80 15.62 0.98
C THR A 390 35.78 14.86 1.87
N PRO A 391 36.20 15.49 2.98
CA PRO A 391 37.15 14.88 3.93
C PRO A 391 36.43 13.84 4.78
N ASP A 392 37.19 13.01 5.48
CA ASP A 392 36.59 12.00 6.34
C ASP A 392 35.78 12.72 7.42
N LEU A 393 35.32 11.98 8.42
CA LEU A 393 34.51 12.57 9.49
C LEU A 393 33.23 13.11 8.88
N PHE A 394 33.11 12.94 7.57
CA PHE A 394 31.96 13.38 6.80
C PHE A 394 31.72 12.36 5.68
N LYS A 395 32.48 11.27 5.73
CA LYS A 395 32.36 10.20 4.73
C LYS A 395 32.50 8.84 5.43
N PHE A 396 31.63 7.91 5.05
CA PHE A 396 31.61 6.55 5.61
C PHE A 396 33.03 6.01 5.88
N PRO A 397 33.21 5.32 7.02
CA PRO A 397 34.48 4.72 7.46
C PRO A 397 35.24 3.86 6.42
N PHE A 398 34.70 2.68 6.12
CA PHE A 398 35.34 1.78 5.17
C PHE A 398 34.36 1.38 4.08
N PHE A 399 33.87 2.37 3.34
CA PHE A 399 32.90 2.12 2.28
C PHE A 399 33.38 1.06 1.32
N GLU A 400 34.50 1.32 0.65
CA GLU A 400 35.05 0.36 -0.30
C GLU A 400 35.26 -1.02 0.32
N ALA A 401 35.78 -1.05 1.54
CA ALA A 401 36.02 -2.33 2.21
C ALA A 401 34.74 -3.15 2.20
N ILE A 402 33.69 -2.64 2.86
CA ILE A 402 32.42 -3.36 2.92
C ILE A 402 31.87 -3.71 1.55
N CYS A 403 32.10 -2.84 0.57
CA CYS A 403 31.62 -3.09 -0.80
C CYS A 403 32.21 -4.39 -1.35
N TRP A 404 33.43 -4.72 -0.93
CA TRP A 404 34.05 -5.96 -1.39
C TRP A 404 33.37 -7.14 -0.73
N PHE A 405 33.09 -7.03 0.58
CA PHE A 405 32.42 -8.12 1.29
C PHE A 405 31.02 -8.35 0.73
N VAL A 406 30.36 -7.26 0.35
CA VAL A 406 29.02 -7.35 -0.21
C VAL A 406 29.09 -8.02 -1.57
N ALA A 407 29.94 -7.51 -2.44
CA ALA A 407 30.09 -8.06 -3.79
C ALA A 407 30.37 -9.56 -3.70
N LYS A 408 31.21 -9.95 -2.75
CA LYS A 408 31.54 -11.36 -2.58
C LYS A 408 30.31 -12.12 -2.12
N ASN A 409 29.67 -11.61 -1.06
CA ASN A 409 28.48 -12.24 -0.50
C ASN A 409 27.33 -12.36 -1.50
N LEU A 410 27.15 -11.34 -2.32
CA LEU A 410 26.08 -11.37 -3.30
C LEU A 410 26.34 -12.43 -4.37
N LEU A 411 27.59 -12.57 -4.77
CA LEU A 411 27.97 -13.55 -5.78
C LEU A 411 27.54 -14.94 -5.28
N GLU A 412 27.86 -15.24 -4.03
CA GLU A 412 27.50 -16.51 -3.43
C GLU A 412 26.00 -16.75 -3.55
N THR A 413 25.22 -15.79 -3.09
CA THR A 413 23.75 -15.89 -3.13
C THR A 413 23.19 -16.04 -4.54
N LEU A 414 23.69 -15.24 -5.48
CA LEU A 414 23.21 -15.32 -6.85
C LEU A 414 23.35 -16.74 -7.38
N LYS A 415 24.39 -17.44 -6.92
CA LYS A 415 24.63 -18.80 -7.34
C LYS A 415 23.60 -19.71 -6.65
N GLU A 416 23.47 -19.55 -5.33
CA GLU A 416 22.53 -20.34 -4.56
C GLU A 416 21.14 -20.32 -5.18
N LEU A 417 20.81 -19.25 -5.87
CA LEU A 417 19.50 -19.12 -6.51
C LEU A 417 19.50 -19.55 -7.97
N ARG A 418 20.59 -19.25 -8.68
CA ARG A 418 20.68 -19.60 -10.09
C ARG A 418 20.58 -21.10 -10.32
N GLU A 419 21.01 -21.88 -9.31
CA GLU A 419 20.97 -23.32 -9.42
C GLU A 419 19.62 -23.92 -9.02
N ASP A 420 18.85 -23.19 -8.21
CA ASP A 420 17.55 -23.68 -7.76
C ASP A 420 16.34 -23.15 -8.52
N GLY A 421 16.48 -23.01 -9.83
CA GLY A 421 15.38 -22.54 -10.66
C GLY A 421 14.96 -21.10 -10.48
N PHE A 422 15.18 -20.54 -9.30
CA PHE A 422 14.81 -19.16 -9.00
C PHE A 422 15.63 -18.16 -9.81
N GLN A 423 14.98 -17.13 -10.33
CA GLN A 423 15.68 -16.11 -11.10
C GLN A 423 15.71 -14.82 -10.29
N PRO A 424 16.90 -14.42 -9.79
CA PRO A 424 17.11 -13.22 -8.98
C PRO A 424 16.30 -12.00 -9.42
N GLN A 425 15.75 -11.29 -8.44
CA GLN A 425 14.95 -10.10 -8.70
C GLN A 425 15.76 -9.06 -9.47
N THR A 426 15.10 -8.37 -10.39
CA THR A 426 15.75 -7.37 -11.22
C THR A 426 16.63 -6.37 -10.47
N TYR A 427 16.07 -5.75 -9.42
CA TYR A 427 16.83 -4.78 -8.64
C TYR A 427 18.18 -5.31 -8.21
N LEU A 428 18.21 -6.54 -7.67
CA LEU A 428 19.45 -7.12 -7.21
C LEU A 428 20.42 -7.43 -8.34
N VAL A 429 19.89 -7.71 -9.52
CA VAL A 429 20.75 -8.00 -10.66
C VAL A 429 21.50 -6.74 -11.10
N GLN A 430 20.77 -5.70 -11.48
CA GLN A 430 21.42 -4.47 -11.92
C GLN A 430 22.23 -3.85 -10.78
N GLY A 431 22.02 -4.35 -9.56
CA GLY A 431 22.76 -3.85 -8.42
C GLY A 431 24.18 -4.38 -8.45
N VAL A 432 24.33 -5.67 -8.71
CA VAL A 432 25.65 -6.28 -8.80
C VAL A 432 26.32 -5.70 -10.04
N LYS A 433 25.55 -5.55 -11.11
CA LYS A 433 26.08 -4.99 -12.34
C LYS A 433 26.76 -3.66 -12.04
N ALA A 434 26.16 -2.90 -11.12
CA ALA A 434 26.71 -1.60 -10.73
C ALA A 434 27.89 -1.80 -9.78
N LEU A 435 27.78 -2.81 -8.92
CA LEU A 435 28.84 -3.11 -7.97
C LEU A 435 30.05 -3.60 -8.75
N HIS A 436 29.77 -4.34 -9.82
CA HIS A 436 30.80 -4.87 -10.71
C HIS A 436 31.63 -3.71 -11.24
N THR A 437 31.02 -2.94 -12.12
CA THR A 437 31.64 -1.79 -12.74
C THR A 437 32.57 -1.01 -11.82
N ALA A 438 32.02 -0.46 -10.75
CA ALA A 438 32.80 0.33 -9.81
C ALA A 438 33.87 -0.48 -9.07
N LEU A 439 33.56 -1.73 -8.75
CA LEU A 439 34.53 -2.57 -8.05
C LEU A 439 35.77 -2.79 -8.92
N LYS A 440 35.59 -2.65 -10.23
CA LYS A 440 36.69 -2.80 -11.17
C LYS A 440 37.44 -1.49 -11.26
N LEU A 441 36.70 -0.40 -11.28
CA LEU A 441 37.31 0.92 -11.36
C LEU A 441 38.34 1.01 -10.23
N TRP A 442 38.10 0.28 -9.15
CA TRP A 442 39.01 0.29 -8.01
C TRP A 442 40.14 -0.72 -8.21
N MET A 443 40.39 -1.04 -9.49
CA MET A 443 41.46 -1.95 -9.87
C MET A 443 42.35 -1.10 -10.77
N LYS A 444 42.88 -0.06 -10.17
CA LYS A 444 43.73 0.91 -10.81
C LYS A 444 43.78 2.01 -9.76
N LYS A 445 44.13 1.59 -8.55
CA LYS A 445 44.17 2.51 -7.42
C LYS A 445 45.53 2.65 -6.76
N GLU A 446 46.16 3.78 -7.02
CA GLU A 446 47.47 4.09 -6.46
C GLU A 446 47.20 4.82 -5.15
N LEU A 447 47.01 6.14 -5.24
CA LEU A 447 46.70 7.02 -4.09
C LEU A 447 47.00 8.48 -4.42
N HIS A 451 42.36 2.99 -3.78
CA HIS A 451 41.29 2.03 -3.58
C HIS A 451 41.83 0.68 -3.16
N ALA A 452 42.95 0.26 -3.76
CA ALA A 452 43.55 -1.02 -3.40
C ALA A 452 43.83 -1.00 -1.89
N PHE A 453 44.11 0.19 -1.38
CA PHE A 453 44.38 0.39 0.03
C PHE A 453 43.20 -0.15 0.84
N GLU A 454 42.00 0.05 0.30
CA GLU A 454 40.78 -0.41 0.93
C GLU A 454 40.48 -1.86 0.59
N ILE A 455 41.25 -2.43 -0.36
CA ILE A 455 41.04 -3.83 -0.76
C ILE A 455 41.52 -4.77 0.34
N PRO A 456 40.58 -5.41 1.05
CA PRO A 456 40.84 -6.34 2.15
C PRO A 456 41.70 -7.54 1.78
N ASP A 457 42.03 -8.33 2.79
CA ASP A 457 42.85 -9.53 2.61
C ASP A 457 41.95 -10.76 2.72
N ASN A 458 40.85 -10.61 3.46
CA ASN A 458 39.89 -11.68 3.65
C ASN A 458 39.39 -12.24 2.32
N VAL A 459 39.62 -11.50 1.24
CA VAL A 459 39.20 -11.92 -0.10
C VAL A 459 40.23 -11.48 -1.13
N ARG A 460 40.11 -12.01 -2.35
CA ARG A 460 41.03 -11.69 -3.44
C ARG A 460 40.22 -11.22 -4.65
N PRO A 461 40.52 -10.02 -5.16
CA PRO A 461 39.81 -9.49 -6.33
C PRO A 461 39.87 -10.42 -7.53
N GLY A 462 40.46 -9.96 -8.63
CA GLY A 462 40.57 -10.77 -9.82
C GLY A 462 39.52 -11.86 -9.96
N HIS A 463 39.79 -13.03 -9.39
CA HIS A 463 38.88 -14.17 -9.45
C HIS A 463 37.43 -13.76 -9.15
N LEU A 464 37.23 -13.06 -8.04
CA LEU A 464 35.90 -12.61 -7.64
C LEU A 464 35.31 -11.65 -8.67
N ILE A 465 36.00 -10.55 -8.90
CA ILE A 465 35.53 -9.55 -9.84
C ILE A 465 35.37 -10.11 -11.26
N LYS A 466 35.92 -11.31 -11.50
CA LYS A 466 35.81 -11.96 -12.81
C LYS A 466 34.64 -12.93 -12.80
N GLU A 467 34.56 -13.72 -11.72
CA GLU A 467 33.49 -14.69 -11.55
C GLU A 467 32.18 -13.91 -11.40
N LEU A 468 32.32 -12.62 -11.11
CA LEU A 468 31.19 -11.73 -10.97
C LEU A 468 30.73 -11.42 -12.38
N SER A 469 31.69 -11.13 -13.25
CA SER A 469 31.44 -10.82 -14.65
C SER A 469 30.78 -12.02 -15.33
N LYS A 470 31.20 -13.21 -14.94
CA LYS A 470 30.67 -14.45 -15.50
C LYS A 470 29.17 -14.57 -15.23
N VAL A 471 28.83 -14.88 -13.98
CA VAL A 471 27.43 -15.03 -13.56
C VAL A 471 26.51 -13.95 -14.10
N ILE A 472 27.01 -12.72 -14.20
CA ILE A 472 26.22 -11.61 -14.71
C ILE A 472 25.87 -11.88 -16.18
N ARG A 473 26.89 -12.17 -16.98
CA ARG A 473 26.73 -12.43 -18.41
C ARG A 473 25.81 -13.63 -18.67
N ALA A 474 25.83 -14.60 -17.74
CA ALA A 474 25.00 -15.78 -17.86
C ALA A 474 23.52 -15.41 -17.70
N ILE A 475 23.15 -14.99 -16.49
CA ILE A 475 21.78 -14.60 -16.19
C ILE A 475 21.26 -13.63 -17.24
N GLU A 476 22.16 -12.84 -17.81
CA GLU A 476 21.80 -11.86 -18.83
C GLU A 476 21.25 -12.54 -20.08
N GLU A 477 21.94 -13.57 -20.56
CA GLU A 477 21.51 -14.31 -21.75
C GLU A 477 20.32 -15.23 -21.49
N GLU A 478 20.29 -15.85 -20.31
CA GLU A 478 19.21 -16.76 -19.93
C GLU A 478 17.87 -16.03 -19.85
N ASN A 479 17.84 -14.89 -19.17
CA ASN A 479 16.61 -14.10 -19.02
C ASN A 479 16.18 -13.45 -20.34
N PRO B 33 -71.43 -28.60 -33.55
CA PRO B 33 -70.50 -27.44 -33.41
C PRO B 33 -70.00 -27.27 -31.96
N PRO B 34 -69.02 -28.09 -31.55
CA PRO B 34 -68.40 -28.08 -30.21
C PRO B 34 -67.97 -26.70 -29.75
N PRO B 35 -68.08 -26.41 -28.44
CA PRO B 35 -67.69 -25.12 -27.89
C PRO B 35 -66.17 -24.97 -27.83
N PRO B 36 -65.66 -23.79 -28.24
CA PRO B 36 -64.21 -23.57 -28.21
C PRO B 36 -63.63 -23.84 -26.82
N PRO B 37 -62.47 -24.52 -26.76
CA PRO B 37 -61.78 -24.88 -25.52
C PRO B 37 -61.23 -23.72 -24.69
N VAL B 38 -61.83 -23.49 -23.53
CA VAL B 38 -61.39 -22.44 -22.62
C VAL B 38 -61.19 -23.04 -21.22
N TYR B 39 -60.41 -22.36 -20.38
CA TYR B 39 -60.13 -22.87 -19.03
C TYR B 39 -60.21 -21.81 -17.96
N CYS B 40 -60.00 -22.22 -16.71
CA CYS B 40 -59.99 -21.30 -15.58
C CYS B 40 -61.33 -20.59 -15.37
N VAL B 41 -61.38 -19.73 -14.35
CA VAL B 41 -62.60 -18.99 -14.04
C VAL B 41 -62.79 -17.84 -15.03
N CYS B 42 -61.72 -17.45 -15.70
CA CYS B 42 -61.78 -16.37 -16.67
C CYS B 42 -62.29 -16.88 -18.03
N ARG B 43 -62.42 -18.20 -18.15
CA ARG B 43 -62.90 -18.85 -19.38
C ARG B 43 -62.12 -18.35 -20.60
N GLN B 44 -60.80 -18.49 -20.54
CA GLN B 44 -59.91 -18.06 -21.61
C GLN B 44 -59.31 -19.28 -22.30
N PRO B 45 -58.85 -19.11 -23.54
CA PRO B 45 -58.24 -20.24 -24.26
C PRO B 45 -56.84 -20.46 -23.68
N TYR B 46 -56.31 -21.68 -23.82
CA TYR B 46 -54.99 -21.99 -23.27
C TYR B 46 -53.88 -21.04 -23.72
N ASP B 47 -52.98 -20.73 -22.79
CA ASP B 47 -51.85 -19.86 -23.04
C ASP B 47 -50.66 -20.54 -22.38
N VAL B 48 -49.93 -21.30 -23.19
CA VAL B 48 -48.76 -22.05 -22.72
C VAL B 48 -47.72 -21.22 -21.95
N ASN B 49 -47.84 -19.90 -22.01
CA ASN B 49 -46.90 -19.02 -21.33
C ASN B 49 -47.29 -18.59 -19.92
N ARG B 50 -48.46 -19.02 -19.45
CA ARG B 50 -48.92 -18.65 -18.12
C ARG B 50 -48.97 -19.85 -17.20
N PHE B 51 -48.57 -19.64 -15.95
CA PHE B 51 -48.56 -20.69 -14.93
C PHE B 51 -49.97 -21.12 -14.58
N MET B 52 -50.20 -22.43 -14.60
CA MET B 52 -51.50 -22.98 -14.29
C MET B 52 -51.40 -24.15 -13.35
N ILE B 53 -52.49 -24.42 -12.63
CA ILE B 53 -52.54 -25.54 -11.70
C ILE B 53 -53.87 -26.26 -11.93
N GLU B 54 -53.91 -27.57 -11.66
CA GLU B 54 -55.11 -28.36 -11.89
C GLU B 54 -55.91 -28.73 -10.64
N CYS B 55 -57.21 -28.44 -10.66
CA CYS B 55 -58.08 -28.78 -9.54
C CYS B 55 -58.30 -30.29 -9.56
N ASP B 56 -58.07 -30.93 -8.42
CA ASP B 56 -58.24 -32.38 -8.35
C ASP B 56 -59.69 -32.80 -8.35
N ILE B 57 -60.59 -31.84 -8.10
CA ILE B 57 -62.02 -32.14 -8.08
C ILE B 57 -62.66 -32.02 -9.45
N CYS B 58 -62.62 -30.83 -10.03
CA CYS B 58 -63.25 -30.62 -11.33
C CYS B 58 -62.36 -30.94 -12.52
N LYS B 59 -61.07 -31.12 -12.29
CA LYS B 59 -60.13 -31.46 -13.37
C LYS B 59 -59.87 -30.34 -14.36
N ASP B 60 -60.26 -29.14 -13.99
CA ASP B 60 -60.07 -27.97 -14.83
C ASP B 60 -58.68 -27.39 -14.49
N TRP B 61 -58.18 -26.46 -15.31
CA TRP B 61 -56.89 -25.82 -15.05
C TRP B 61 -57.09 -24.34 -14.73
N PHE B 62 -56.31 -23.84 -13.78
CA PHE B 62 -56.43 -22.43 -13.37
C PHE B 62 -55.14 -21.64 -13.38
N HIS B 63 -55.25 -20.38 -13.81
CA HIS B 63 -54.13 -19.47 -13.81
C HIS B 63 -53.86 -19.21 -12.33
N GLY B 64 -52.61 -19.37 -11.90
CA GLY B 64 -52.31 -19.10 -10.50
C GLY B 64 -52.71 -17.68 -10.15
N SER B 65 -52.52 -16.77 -11.11
CA SER B 65 -52.86 -15.37 -10.89
C SER B 65 -54.34 -15.15 -10.67
N CYS B 66 -55.17 -16.01 -11.23
CA CYS B 66 -56.62 -15.86 -11.08
C CYS B 66 -57.14 -16.40 -9.76
N VAL B 67 -56.48 -17.42 -9.22
CA VAL B 67 -56.93 -18.02 -7.98
C VAL B 67 -56.04 -17.77 -6.77
N GLY B 68 -55.07 -16.88 -6.92
CA GLY B 68 -54.20 -16.57 -5.79
C GLY B 68 -53.24 -17.65 -5.37
N VAL B 69 -52.56 -18.25 -6.34
CA VAL B 69 -51.59 -19.30 -6.06
C VAL B 69 -50.30 -18.93 -6.76
N GLU B 70 -49.24 -18.76 -5.99
CA GLU B 70 -47.93 -18.41 -6.53
C GLU B 70 -47.23 -19.64 -7.07
N GLU B 71 -46.27 -19.44 -7.98
CA GLU B 71 -45.55 -20.57 -8.55
C GLU B 71 -44.79 -21.36 -7.50
N HIS B 72 -44.32 -20.68 -6.44
CA HIS B 72 -43.59 -21.39 -5.41
C HIS B 72 -44.49 -22.20 -4.48
N HIS B 73 -45.79 -21.92 -4.48
N HIS B 73 -45.79 -21.90 -4.48
CA HIS B 73 -46.73 -22.62 -3.61
CA HIS B 73 -46.78 -22.58 -3.65
C HIS B 73 -47.13 -23.97 -4.21
C HIS B 73 -47.09 -23.97 -4.21
N ALA B 74 -46.98 -24.12 -5.53
CA ALA B 74 -47.31 -25.36 -6.20
C ALA B 74 -46.69 -26.62 -5.60
N VAL B 75 -45.41 -26.56 -5.26
CA VAL B 75 -44.73 -27.72 -4.72
C VAL B 75 -45.27 -28.15 -3.35
N ASP B 76 -45.90 -27.23 -2.63
CA ASP B 76 -46.47 -27.54 -1.30
C ASP B 76 -47.85 -28.15 -1.40
N ILE B 77 -48.52 -27.92 -2.53
CA ILE B 77 -49.87 -28.41 -2.71
C ILE B 77 -49.88 -29.83 -3.24
N ASP B 78 -50.54 -30.71 -2.50
CA ASP B 78 -50.64 -32.11 -2.88
C ASP B 78 -51.76 -32.24 -3.93
N LEU B 79 -52.99 -31.96 -3.51
CA LEU B 79 -54.14 -32.02 -4.38
C LEU B 79 -54.84 -30.66 -4.30
N TYR B 80 -54.81 -29.92 -5.39
CA TYR B 80 -55.40 -28.60 -5.42
C TYR B 80 -56.92 -28.56 -5.55
N HIS B 81 -57.53 -27.64 -4.80
CA HIS B 81 -58.98 -27.42 -4.87
C HIS B 81 -59.19 -25.96 -5.25
N CYS B 82 -59.87 -25.73 -6.37
CA CYS B 82 -60.13 -24.35 -6.79
C CYS B 82 -61.13 -23.70 -5.84
N PRO B 83 -61.22 -22.36 -5.83
CA PRO B 83 -62.16 -21.67 -4.95
C PRO B 83 -63.58 -22.21 -5.00
N ASN B 84 -64.08 -22.48 -6.20
CA ASN B 84 -65.43 -23.00 -6.33
C ASN B 84 -65.61 -24.38 -5.67
N CYS B 85 -64.73 -25.33 -5.99
CA CYS B 85 -64.83 -26.65 -5.40
C CYS B 85 -64.59 -26.65 -3.88
N ALA B 86 -63.79 -25.70 -3.41
CA ALA B 86 -63.47 -25.63 -1.98
C ALA B 86 -64.68 -25.33 -1.10
N VAL B 87 -65.67 -24.63 -1.65
CA VAL B 87 -66.85 -24.29 -0.87
C VAL B 87 -67.51 -25.57 -0.30
N LEU B 88 -67.63 -26.61 -1.12
CA LEU B 88 -68.23 -27.85 -0.66
C LEU B 88 -67.22 -28.93 -0.30
N HIS B 89 -65.96 -28.73 -0.67
CA HIS B 89 -64.94 -29.75 -0.39
C HIS B 89 -63.80 -29.31 0.50
N GLY B 90 -63.74 -28.03 0.86
CA GLY B 90 -62.66 -27.57 1.71
C GLY B 90 -61.41 -27.19 0.92
N SER B 91 -60.46 -26.56 1.59
CA SER B 91 -59.24 -26.12 0.93
C SER B 91 -58.36 -27.26 0.43
N SER B 92 -57.36 -26.90 -0.40
CA SER B 92 -56.44 -27.88 -0.96
C SER B 92 -55.76 -28.77 0.06
N LEU B 93 -55.51 -30.02 -0.31
CA LEU B 93 -54.79 -30.90 0.60
C LEU B 93 -53.34 -30.55 0.38
N MET B 94 -52.68 -30.16 1.45
CA MET B 94 -51.29 -29.76 1.40
C MET B 94 -50.40 -30.93 1.80
N LYS B 95 -49.15 -30.89 1.35
CA LYS B 95 -48.18 -31.92 1.68
C LYS B 95 -47.85 -31.80 3.17
N LYS B 96 -47.43 -32.90 3.78
CA LYS B 96 -47.13 -32.90 5.20
C LYS B 96 -45.65 -32.78 5.57
N ARG B 97 -45.34 -31.84 6.46
CA ARG B 97 -43.95 -31.66 6.90
C ARG B 97 -43.60 -32.77 7.88
N ARG B 98 -42.48 -33.46 7.62
CA ARG B 98 -42.02 -34.53 8.49
C ARG B 98 -40.61 -34.26 8.97
N ASN B 99 -39.94 -33.29 8.37
CA ASN B 99 -38.57 -32.98 8.77
C ASN B 99 -38.22 -31.50 8.59
N TRP B 100 -37.07 -31.12 9.13
CA TRP B 100 -36.59 -29.74 9.05
C TRP B 100 -35.21 -29.68 8.38
N HIS B 101 -34.71 -30.80 7.89
CA HIS B 101 -33.38 -30.79 7.32
C HIS B 101 -33.21 -31.17 5.85
N ARG B 102 -34.31 -31.41 5.14
CA ARG B 102 -34.22 -31.79 3.74
C ARG B 102 -35.01 -30.87 2.82
N HIS B 103 -34.60 -30.80 1.56
CA HIS B 103 -35.31 -29.99 0.57
C HIS B 103 -36.74 -30.51 0.46
N ASP B 104 -36.89 -31.83 0.51
CA ASP B 104 -38.22 -32.42 0.48
C ASP B 104 -38.59 -32.62 1.95
N TYR B 105 -39.36 -31.69 2.50
CA TYR B 105 -39.76 -31.78 3.90
C TYR B 105 -40.76 -32.89 4.19
N THR B 106 -41.15 -33.65 3.18
CA THR B 106 -42.08 -34.75 3.43
C THR B 106 -41.36 -36.01 3.86
N GLU B 107 -40.13 -36.21 3.40
CA GLU B 107 -39.36 -37.41 3.75
C GLU B 107 -39.37 -37.68 5.25
N ILE B 108 -39.46 -38.96 5.60
CA ILE B 108 -39.49 -39.40 6.99
C ILE B 108 -38.25 -38.91 7.74
N ASP B 109 -38.44 -38.47 8.98
CA ASP B 109 -37.32 -37.98 9.76
C ASP B 109 -36.68 -39.03 10.68
N ASP B 110 -35.89 -39.92 10.09
CA ASP B 110 -35.21 -40.94 10.87
C ASP B 110 -33.73 -40.57 11.11
N GLY B 111 -32.84 -41.13 10.30
CA GLY B 111 -31.43 -40.82 10.48
C GLY B 111 -30.66 -40.77 9.18
N SER B 112 -31.17 -41.48 8.18
CA SER B 112 -30.52 -41.50 6.88
C SER B 112 -30.68 -40.10 6.29
N LYS B 113 -29.97 -39.82 5.19
CA LYS B 113 -30.08 -38.52 4.54
C LYS B 113 -29.57 -37.38 5.40
N PRO B 114 -28.54 -36.66 4.90
CA PRO B 114 -27.94 -35.53 5.62
C PRO B 114 -28.70 -34.22 5.45
N VAL B 115 -28.26 -33.21 6.20
CA VAL B 115 -28.85 -31.87 6.15
C VAL B 115 -28.55 -31.22 4.81
N GLN B 116 -29.55 -30.58 4.22
CA GLN B 116 -29.35 -29.91 2.93
C GLN B 116 -29.31 -28.39 3.07
N ALA B 117 -28.62 -27.73 2.13
CA ALA B 117 -28.47 -26.30 2.14
C ALA B 117 -29.77 -25.49 2.11
N GLY B 118 -29.88 -24.52 3.01
CA GLY B 118 -31.05 -23.67 3.03
C GLY B 118 -32.16 -24.06 3.98
N THR B 119 -32.17 -25.30 4.43
CA THR B 119 -33.21 -25.77 5.35
C THR B 119 -33.06 -25.15 6.74
N ARG B 120 -34.12 -25.18 7.53
CA ARG B 120 -34.08 -24.63 8.88
C ARG B 120 -32.92 -25.22 9.68
N THR B 121 -32.77 -26.53 9.62
CA THR B 121 -31.69 -27.22 10.32
C THR B 121 -30.33 -26.67 9.86
N PHE B 122 -30.18 -26.53 8.54
CA PHE B 122 -28.96 -26.03 7.97
C PHE B 122 -28.59 -24.66 8.56
N ILE B 123 -29.58 -23.78 8.63
CA ILE B 123 -29.36 -22.43 9.15
C ILE B 123 -28.97 -22.46 10.63
N LYS B 124 -29.55 -23.38 11.39
CA LYS B 124 -29.24 -23.47 12.82
C LYS B 124 -27.79 -23.91 12.98
N GLU B 125 -27.35 -24.89 12.18
CA GLU B 125 -25.98 -25.36 12.26
C GLU B 125 -25.01 -24.30 11.76
N LEU B 126 -25.42 -23.57 10.73
CA LEU B 126 -24.56 -22.53 10.19
C LEU B 126 -24.32 -21.43 11.21
N ARG B 127 -25.38 -20.99 11.87
CA ARG B 127 -25.29 -19.93 12.87
C ARG B 127 -24.39 -20.27 14.05
N SER B 128 -24.28 -21.56 14.39
CA SER B 128 -23.46 -21.95 15.53
C SER B 128 -22.05 -22.39 15.15
N ARG B 129 -21.76 -22.47 13.85
CA ARG B 129 -20.41 -22.85 13.39
C ARG B 129 -19.40 -21.79 13.82
N VAL B 130 -18.13 -22.18 13.89
CA VAL B 130 -17.07 -21.25 14.28
C VAL B 130 -16.15 -21.01 13.09
N PHE B 131 -16.05 -19.75 12.66
CA PHE B 131 -15.21 -19.39 11.53
C PHE B 131 -14.15 -18.37 11.87
N PRO B 132 -13.04 -18.37 11.13
CA PRO B 132 -12.05 -17.35 11.47
C PRO B 132 -12.71 -16.06 11.00
N SER B 133 -12.48 -14.95 11.69
CA SER B 133 -13.09 -13.69 11.29
C SER B 133 -12.46 -13.12 10.03
N ALA B 134 -13.27 -12.48 9.20
CA ALA B 134 -12.76 -11.90 7.97
C ALA B 134 -11.83 -10.72 8.28
N ASP B 135 -11.75 -10.35 9.55
CA ASP B 135 -10.86 -9.26 9.93
C ASP B 135 -9.42 -9.65 9.61
N GLU B 136 -9.15 -10.95 9.60
CA GLU B 136 -7.81 -11.46 9.30
C GLU B 136 -7.32 -11.21 7.87
N ILE B 137 -8.23 -10.97 6.93
CA ILE B 137 -7.83 -10.77 5.55
C ILE B 137 -8.31 -9.52 4.83
N ILE B 138 -9.51 -9.04 5.15
CA ILE B 138 -10.02 -7.86 4.45
C ILE B 138 -9.28 -6.58 4.81
N ILE B 139 -9.47 -5.57 3.97
CA ILE B 139 -8.84 -4.28 4.15
C ILE B 139 -9.88 -3.21 4.42
N LYS B 140 -9.86 -2.62 5.61
CA LYS B 140 -10.80 -1.56 5.90
C LYS B 140 -10.22 -0.23 5.40
N MET B 141 -11.01 0.49 4.61
CA MET B 141 -10.55 1.74 4.03
C MET B 141 -11.55 2.85 4.09
N HIS B 142 -11.06 4.04 3.76
CA HIS B 142 -11.90 5.21 3.69
C HIS B 142 -12.12 5.38 2.19
N GLY B 143 -13.33 5.75 1.80
CA GLY B 143 -13.64 5.91 0.40
C GLY B 143 -12.68 6.74 -0.43
N SER B 144 -12.05 7.74 0.17
CA SER B 144 -11.14 8.60 -0.57
C SER B 144 -9.82 7.92 -0.96
N GLN B 145 -9.45 6.87 -0.23
N GLN B 145 -9.44 6.88 -0.23
CA GLN B 145 -8.21 6.15 -0.50
CA GLN B 145 -8.20 6.17 -0.51
C GLN B 145 -8.39 5.07 -1.57
C GLN B 145 -8.37 5.02 -1.52
N LEU B 146 -9.61 4.58 -1.74
CA LEU B 146 -9.88 3.52 -2.70
C LEU B 146 -9.90 4.06 -4.13
N THR B 147 -8.72 4.15 -4.75
CA THR B 147 -8.59 4.65 -6.12
C THR B 147 -7.98 3.63 -7.05
N GLN B 148 -7.99 3.95 -8.35
CA GLN B 148 -7.43 3.06 -9.36
C GLN B 148 -5.92 2.94 -9.12
N ARG B 149 -5.29 4.08 -8.82
CA ARG B 149 -3.86 4.14 -8.55
C ARG B 149 -3.52 3.20 -7.39
N TYR B 150 -4.36 3.22 -6.37
CA TYR B 150 -4.16 2.38 -5.19
C TYR B 150 -4.25 0.89 -5.52
N LEU B 151 -5.17 0.53 -6.40
CA LEU B 151 -5.34 -0.87 -6.76
C LEU B 151 -4.25 -1.37 -7.70
N GLU B 152 -3.72 -0.50 -8.54
CA GLU B 152 -2.66 -0.89 -9.46
C GLU B 152 -1.38 -1.18 -8.68
N LYS B 153 -1.18 -0.43 -7.60
CA LYS B 153 -0.01 -0.56 -6.75
C LYS B 153 -0.09 -1.69 -5.72
N HIS B 154 -1.21 -1.79 -5.01
CA HIS B 154 -1.37 -2.82 -3.99
C HIS B 154 -2.14 -4.04 -4.48
N GLY B 155 -2.76 -3.93 -5.65
CA GLY B 155 -3.53 -5.02 -6.18
C GLY B 155 -4.92 -5.09 -5.56
N PHE B 156 -5.82 -5.79 -6.23
CA PHE B 156 -7.19 -5.96 -5.75
C PHE B 156 -7.42 -7.46 -5.66
N ASP B 157 -6.98 -8.08 -4.56
CA ASP B 157 -7.15 -9.52 -4.41
C ASP B 157 -7.65 -10.01 -3.07
N VAL B 158 -8.14 -9.09 -2.25
CA VAL B 158 -8.75 -9.45 -0.98
C VAL B 158 -9.91 -8.48 -0.83
N PRO B 159 -11.00 -8.92 -0.19
CA PRO B 159 -12.16 -8.07 0.00
C PRO B 159 -11.82 -6.76 0.70
N ILE B 160 -12.50 -5.70 0.29
CA ILE B 160 -12.29 -4.40 0.88
C ILE B 160 -13.59 -3.93 1.52
N MET B 161 -13.48 -3.47 2.76
CA MET B 161 -14.63 -2.97 3.48
C MET B 161 -14.51 -1.48 3.68
N VAL B 162 -15.54 -0.74 3.26
CA VAL B 162 -15.57 0.70 3.42
C VAL B 162 -16.78 1.03 4.30
N PRO B 163 -16.55 1.21 5.62
CA PRO B 163 -17.57 1.53 6.64
C PRO B 163 -18.44 2.77 6.40
N LYS B 164 -17.84 3.85 5.94
CA LYS B 164 -18.58 5.09 5.72
C LYS B 164 -18.77 5.35 4.23
N LEU B 165 -19.90 5.93 3.88
CA LEU B 165 -20.24 6.23 2.49
C LEU B 165 -19.38 7.34 1.86
N ASP B 166 -18.81 8.21 2.70
CA ASP B 166 -17.99 9.33 2.24
C ASP B 166 -16.95 9.06 1.17
N ASP B 167 -17.01 9.86 0.10
CA ASP B 167 -16.06 9.81 -1.02
C ASP B 167 -16.08 8.59 -1.96
N LEU B 168 -17.09 7.73 -1.84
CA LEU B 168 -17.14 6.57 -2.72
C LEU B 168 -17.80 6.91 -4.05
N GLY B 169 -18.54 8.01 -4.08
CA GLY B 169 -19.22 8.39 -5.31
C GLY B 169 -20.47 7.56 -5.50
N LEU B 170 -20.79 6.78 -4.47
CA LEU B 170 -21.95 5.90 -4.45
C LEU B 170 -23.20 6.63 -3.95
N ARG B 171 -24.17 6.81 -4.84
CA ARG B 171 -25.41 7.49 -4.47
C ARG B 171 -26.53 6.46 -4.30
N LEU B 172 -27.24 6.56 -3.19
CA LEU B 172 -28.33 5.64 -2.90
C LEU B 172 -29.51 6.38 -2.28
N PRO B 173 -30.68 5.74 -2.26
CA PRO B 173 -31.83 6.42 -1.66
C PRO B 173 -31.55 6.46 -0.16
N SER B 174 -32.20 7.35 0.57
CA SER B 174 -31.95 7.48 2.00
C SER B 174 -32.24 6.17 2.75
N PRO B 175 -31.62 6.00 3.92
CA PRO B 175 -31.77 4.81 4.78
C PRO B 175 -33.21 4.47 5.15
N THR B 176 -34.15 5.38 4.86
CA THR B 176 -35.56 5.13 5.16
C THR B 176 -36.26 4.47 3.98
N PHE B 177 -35.55 4.29 2.87
CA PHE B 177 -36.12 3.64 1.69
C PHE B 177 -36.61 2.22 2.06
N SER B 178 -37.87 1.92 1.76
CA SER B 178 -38.42 0.61 2.10
C SER B 178 -38.86 -0.21 0.89
N VAL B 179 -39.16 -1.47 1.11
CA VAL B 179 -39.61 -2.34 0.03
C VAL B 179 -40.84 -1.75 -0.67
N MET B 180 -41.70 -1.07 0.08
CA MET B 180 -42.88 -0.43 -0.51
C MET B 180 -42.44 0.67 -1.50
N ASP B 181 -41.31 1.31 -1.21
CA ASP B 181 -40.77 2.33 -2.09
C ASP B 181 -40.24 1.64 -3.34
N VAL B 182 -39.61 0.48 -3.18
CA VAL B 182 -39.11 -0.23 -4.35
C VAL B 182 -40.29 -0.45 -5.30
N GLU B 183 -41.42 -0.90 -4.76
CA GLU B 183 -42.60 -1.15 -5.57
C GLU B 183 -43.09 0.13 -6.24
N ARG B 184 -43.06 1.22 -5.49
CA ARG B 184 -43.49 2.53 -5.97
C ARG B 184 -42.67 3.00 -7.19
N TYR B 185 -41.37 2.79 -7.16
CA TYR B 185 -40.52 3.22 -8.27
C TYR B 185 -40.44 2.21 -9.41
N VAL B 186 -40.31 0.93 -9.07
CA VAL B 186 -40.18 -0.11 -10.08
C VAL B 186 -41.52 -0.53 -10.68
N GLY B 187 -42.57 -0.52 -9.87
CA GLY B 187 -43.88 -0.90 -10.37
C GLY B 187 -44.25 -2.29 -9.88
N GLY B 188 -45.40 -2.40 -9.22
CA GLY B 188 -45.85 -3.67 -8.69
C GLY B 188 -46.07 -4.82 -9.66
N ASP B 189 -46.24 -4.53 -10.93
CA ASP B 189 -46.48 -5.60 -11.91
C ASP B 189 -45.24 -6.23 -12.55
N LYS B 190 -44.05 -5.77 -12.19
CA LYS B 190 -42.84 -6.35 -12.76
C LYS B 190 -42.64 -7.79 -12.27
N VAL B 191 -42.27 -8.67 -13.19
CA VAL B 191 -42.03 -10.07 -12.84
C VAL B 191 -40.57 -10.23 -12.43
N ILE B 192 -40.36 -10.73 -11.22
CA ILE B 192 -39.02 -10.95 -10.69
C ILE B 192 -38.79 -12.43 -10.37
N ASP B 193 -37.53 -12.81 -10.24
CA ASP B 193 -37.18 -14.17 -9.91
C ASP B 193 -37.00 -14.30 -8.41
N VAL B 194 -37.73 -15.24 -7.81
CA VAL B 194 -37.65 -15.45 -6.37
C VAL B 194 -37.02 -16.82 -6.10
N ILE B 195 -36.43 -16.96 -4.93
CA ILE B 195 -35.82 -18.22 -4.55
C ILE B 195 -36.41 -18.77 -3.27
N ASP B 196 -36.93 -20.00 -3.36
CA ASP B 196 -37.50 -20.72 -2.23
C ASP B 196 -36.26 -21.35 -1.57
N VAL B 197 -35.67 -20.60 -0.65
CA VAL B 197 -34.45 -21.00 0.04
C VAL B 197 -34.38 -22.41 0.63
N ALA B 198 -35.46 -22.89 1.25
CA ALA B 198 -35.44 -24.22 1.84
C ALA B 198 -35.38 -25.33 0.78
N ARG B 199 -35.84 -25.04 -0.44
CA ARG B 199 -35.77 -26.01 -1.52
C ARG B 199 -34.57 -25.69 -2.42
N GLN B 200 -34.03 -24.47 -2.29
CA GLN B 200 -32.94 -24.03 -3.16
C GLN B 200 -33.42 -24.11 -4.60
N ALA B 201 -34.66 -23.66 -4.83
CA ALA B 201 -35.30 -23.66 -6.14
C ALA B 201 -35.90 -22.28 -6.41
N ASP B 202 -35.98 -21.89 -7.68
CA ASP B 202 -36.52 -20.58 -7.98
C ASP B 202 -37.72 -20.58 -8.90
N SER B 203 -38.46 -19.47 -8.86
CA SER B 203 -39.67 -19.28 -9.65
C SER B 203 -39.92 -17.79 -9.84
N LYS B 204 -41.06 -17.44 -10.41
CA LYS B 204 -41.40 -16.04 -10.65
C LYS B 204 -42.60 -15.54 -9.86
N MET B 205 -42.54 -14.28 -9.47
CA MET B 205 -43.59 -13.60 -8.69
C MET B 205 -43.60 -12.16 -9.15
N THR B 206 -44.72 -11.47 -8.95
CA THR B 206 -44.77 -10.07 -9.28
C THR B 206 -44.12 -9.34 -8.10
N LEU B 207 -43.58 -8.16 -8.34
CA LEU B 207 -42.95 -7.42 -7.25
C LEU B 207 -44.02 -7.15 -6.22
N HIS B 208 -45.22 -6.85 -6.68
CA HIS B 208 -46.35 -6.56 -5.79
C HIS B 208 -46.57 -7.70 -4.80
N ASN B 209 -46.66 -8.92 -5.32
CA ASN B 209 -46.89 -10.07 -4.46
C ASN B 209 -45.71 -10.34 -3.55
N TYR B 210 -44.51 -10.01 -3.99
CA TYR B 210 -43.34 -10.23 -3.16
C TYR B 210 -43.31 -9.25 -2.01
N VAL B 211 -43.57 -7.97 -2.30
CA VAL B 211 -43.60 -6.96 -1.24
C VAL B 211 -44.72 -7.28 -0.26
N LYS B 212 -45.83 -7.78 -0.76
CA LYS B 212 -46.94 -8.14 0.11
C LYS B 212 -46.47 -9.24 1.08
N TYR B 213 -45.71 -10.21 0.56
CA TYR B 213 -45.19 -11.30 1.36
C TYR B 213 -44.17 -10.81 2.39
N PHE B 214 -43.36 -9.85 1.98
CA PHE B 214 -42.31 -9.32 2.84
C PHE B 214 -42.87 -8.49 3.99
N MET B 215 -43.93 -7.76 3.72
CA MET B 215 -44.56 -6.89 4.70
C MET B 215 -45.29 -7.59 5.84
N ASN B 216 -45.68 -8.85 5.61
CA ASN B 216 -46.36 -9.65 6.62
C ASN B 216 -45.24 -10.25 7.48
N PRO B 217 -45.15 -9.83 8.76
CA PRO B 217 -44.10 -10.33 9.68
C PRO B 217 -44.10 -11.85 9.86
N ASN B 218 -45.22 -12.47 9.51
CA ASN B 218 -45.39 -13.92 9.64
C ASN B 218 -45.24 -14.59 8.28
N ARG B 219 -44.01 -15.02 7.99
CA ARG B 219 -43.66 -15.66 6.73
C ARG B 219 -43.88 -17.17 6.75
N PRO B 220 -44.71 -17.69 5.84
CA PRO B 220 -44.96 -19.13 5.79
C PRO B 220 -43.71 -19.90 5.34
N LYS B 221 -42.85 -19.22 4.59
CA LYS B 221 -41.59 -19.81 4.12
C LYS B 221 -40.57 -18.70 3.82
N VAL B 222 -39.31 -19.09 3.66
CA VAL B 222 -38.24 -18.14 3.37
C VAL B 222 -38.05 -17.92 1.87
N LEU B 223 -38.25 -16.69 1.42
CA LEU B 223 -38.10 -16.35 0.01
C LEU B 223 -37.04 -15.27 -0.14
N ASN B 224 -36.21 -15.39 -1.15
CA ASN B 224 -35.12 -14.46 -1.38
C ASN B 224 -35.15 -13.94 -2.81
N VAL B 225 -34.86 -12.65 -2.99
CA VAL B 225 -34.82 -12.00 -4.30
C VAL B 225 -33.39 -11.50 -4.49
N ILE B 226 -32.64 -12.12 -5.39
CA ILE B 226 -31.25 -11.71 -5.59
C ILE B 226 -30.85 -11.17 -6.97
N SER B 227 -31.74 -11.21 -7.96
CA SER B 227 -31.36 -10.73 -9.28
C SER B 227 -32.29 -9.70 -9.93
N LEU B 228 -32.79 -8.77 -9.13
CA LEU B 228 -33.67 -7.71 -9.64
C LEU B 228 -32.82 -6.53 -10.12
N GLU B 229 -32.41 -6.58 -11.38
CA GLU B 229 -31.59 -5.55 -11.99
C GLU B 229 -32.55 -4.44 -12.35
N PHE B 230 -32.28 -3.21 -11.94
CA PHE B 230 -33.20 -2.11 -12.23
C PHE B 230 -32.69 -0.96 -13.09
N SER B 231 -31.63 -1.19 -13.86
CA SER B 231 -31.07 -0.16 -14.72
C SER B 231 -32.09 0.37 -15.70
N ASP B 232 -33.07 -0.44 -16.02
CA ASP B 232 -34.10 -0.09 -16.97
C ASP B 232 -35.35 0.54 -16.36
N THR B 233 -35.34 0.82 -15.07
CA THR B 233 -36.51 1.39 -14.42
C THR B 233 -36.32 2.81 -13.90
N LYS B 234 -37.41 3.38 -13.38
CA LYS B 234 -37.37 4.72 -12.82
C LYS B 234 -36.45 4.74 -11.61
N MET B 235 -36.26 3.57 -10.99
CA MET B 235 -35.41 3.45 -9.82
C MET B 235 -33.93 3.64 -10.12
N SER B 236 -33.54 3.37 -11.35
CA SER B 236 -32.15 3.51 -11.75
C SER B 236 -31.59 4.88 -11.39
N GLU B 237 -32.44 5.90 -11.46
CA GLU B 237 -32.03 7.27 -11.18
C GLU B 237 -31.70 7.54 -9.72
N LEU B 238 -32.08 6.64 -8.83
CA LEU B 238 -31.79 6.83 -7.42
C LEU B 238 -30.43 6.27 -7.06
N VAL B 239 -29.83 5.56 -8.01
CA VAL B 239 -28.55 4.95 -7.74
C VAL B 239 -27.43 5.29 -8.70
N GLU B 240 -26.25 5.43 -8.13
CA GLU B 240 -25.05 5.73 -8.88
C GLU B 240 -23.99 4.83 -8.26
N VAL B 241 -23.52 3.87 -9.04
CA VAL B 241 -22.51 2.92 -8.56
C VAL B 241 -21.25 3.64 -8.11
N PRO B 242 -20.45 3.01 -7.23
CA PRO B 242 -19.21 3.59 -6.71
C PRO B 242 -18.30 4.09 -7.83
N ASP B 243 -17.57 5.18 -7.59
CA ASP B 243 -16.66 5.71 -8.61
C ASP B 243 -15.63 4.65 -9.05
N ILE B 244 -15.08 3.94 -8.08
CA ILE B 244 -14.07 2.92 -8.37
C ILE B 244 -14.57 1.81 -9.27
N ALA B 245 -15.88 1.57 -9.26
CA ALA B 245 -16.45 0.52 -10.09
C ALA B 245 -16.64 1.06 -11.50
N LYS B 246 -16.99 2.34 -11.59
CA LYS B 246 -17.19 2.96 -12.88
C LYS B 246 -15.86 3.14 -13.60
N LYS B 247 -14.84 3.52 -12.84
CA LYS B 247 -13.51 3.75 -13.38
C LYS B 247 -12.86 2.48 -13.95
N LEU B 248 -13.01 1.36 -13.26
CA LEU B 248 -12.40 0.10 -13.71
C LEU B 248 -13.22 -0.71 -14.71
N SER B 249 -14.55 -0.65 -14.60
CA SER B 249 -15.44 -1.41 -15.48
C SER B 249 -15.08 -1.47 -16.96
N TRP B 250 -15.08 -2.69 -17.51
CA TRP B 250 -14.81 -2.90 -18.92
C TRP B 250 -15.95 -2.31 -19.74
N VAL B 251 -17.17 -2.68 -19.39
CA VAL B 251 -18.33 -2.18 -20.12
C VAL B 251 -18.37 -0.66 -20.10
N GLU B 252 -17.96 -0.07 -18.98
CA GLU B 252 -17.93 1.38 -18.84
C GLU B 252 -16.89 2.05 -19.76
N ASN B 253 -15.77 1.38 -19.98
CA ASN B 253 -14.70 1.95 -20.79
C ASN B 253 -14.49 1.43 -22.22
N TYR B 254 -14.81 0.17 -22.47
CA TYR B 254 -14.56 -0.38 -23.79
C TYR B 254 -15.70 -0.82 -24.67
N TRP B 255 -16.92 -0.84 -24.15
CA TRP B 255 -18.05 -1.27 -24.97
C TRP B 255 -18.57 -0.10 -25.80
N PRO B 256 -18.45 -0.21 -27.14
CA PRO B 256 -18.90 0.83 -28.07
C PRO B 256 -20.42 1.02 -28.00
N ASP B 257 -20.86 2.27 -27.98
CA ASP B 257 -22.29 2.57 -27.92
C ASP B 257 -22.99 2.14 -29.22
N ASP B 258 -22.22 2.14 -30.31
CA ASP B 258 -22.72 1.79 -31.63
C ASP B 258 -22.72 0.30 -31.95
N SER B 259 -22.40 -0.55 -30.97
CA SER B 259 -22.37 -1.98 -31.23
C SER B 259 -23.75 -2.58 -31.44
N VAL B 260 -23.81 -3.65 -32.23
CA VAL B 260 -25.05 -4.34 -32.54
C VAL B 260 -25.53 -5.28 -31.44
N PHE B 261 -24.61 -5.72 -30.58
CA PHE B 261 -24.97 -6.60 -29.47
C PHE B 261 -25.55 -5.77 -28.35
N PRO B 262 -26.64 -6.25 -27.72
CA PRO B 262 -27.26 -5.50 -26.62
C PRO B 262 -26.34 -5.33 -25.41
N LYS B 263 -25.95 -4.09 -25.14
CA LYS B 263 -25.05 -3.77 -24.02
C LYS B 263 -25.48 -4.45 -22.72
N PRO B 264 -24.58 -5.21 -22.11
CA PRO B 264 -24.86 -5.92 -20.86
C PRO B 264 -25.06 -5.01 -19.64
N PHE B 265 -26.19 -5.18 -18.96
CA PHE B 265 -26.51 -4.39 -17.79
C PHE B 265 -26.59 -5.21 -16.52
N VAL B 266 -25.47 -5.30 -15.81
CA VAL B 266 -25.39 -6.05 -14.57
C VAL B 266 -24.79 -5.09 -13.54
N GLN B 267 -25.07 -3.81 -13.73
CA GLN B 267 -24.54 -2.78 -12.87
C GLN B 267 -25.40 -2.41 -11.67
N LYS B 268 -26.71 -2.57 -11.77
CA LYS B 268 -27.57 -2.20 -10.64
C LYS B 268 -28.59 -3.24 -10.19
N TYR B 269 -28.30 -3.88 -9.07
CA TYR B 269 -29.20 -4.88 -8.51
C TYR B 269 -29.77 -4.49 -7.15
N CYS B 270 -31.05 -4.79 -6.95
CA CYS B 270 -31.73 -4.52 -5.71
C CYS B 270 -31.93 -5.88 -5.07
N LEU B 271 -31.38 -6.08 -3.88
CA LEU B 271 -31.50 -7.37 -3.19
C LEU B 271 -32.44 -7.32 -1.98
N MET B 272 -33.45 -8.18 -1.96
CA MET B 272 -34.37 -8.21 -0.82
C MET B 272 -34.48 -9.65 -0.32
N GLY B 273 -34.22 -9.86 0.96
CA GLY B 273 -34.31 -11.20 1.50
C GLY B 273 -34.75 -11.15 2.95
N VAL B 274 -35.61 -12.07 3.34
CA VAL B 274 -36.06 -12.09 4.72
C VAL B 274 -35.02 -12.83 5.53
N GLN B 275 -35.10 -12.70 6.84
CA GLN B 275 -34.17 -13.38 7.74
C GLN B 275 -34.04 -14.86 7.39
N ASP B 276 -32.81 -15.36 7.45
CA ASP B 276 -32.51 -16.75 7.16
C ASP B 276 -32.46 -17.10 5.69
N SER B 277 -32.44 -16.10 4.81
CA SER B 277 -32.31 -16.38 3.39
C SER B 277 -30.87 -16.85 3.24
N TYR B 278 -30.58 -17.65 2.23
CA TYR B 278 -29.22 -18.17 2.10
C TYR B 278 -28.85 -18.50 0.65
N THR B 279 -27.70 -18.02 0.22
CA THR B 279 -27.23 -18.33 -1.13
C THR B 279 -25.96 -19.13 -0.91
N ASP B 280 -25.84 -20.27 -1.57
CA ASP B 280 -24.69 -21.14 -1.40
C ASP B 280 -23.42 -20.67 -2.12
N PHE B 281 -22.29 -21.22 -1.72
CA PHE B 281 -21.00 -20.87 -2.29
C PHE B 281 -20.97 -20.84 -3.81
N HIS B 282 -20.49 -19.74 -4.35
CA HIS B 282 -20.41 -19.58 -5.79
C HIS B 282 -19.38 -18.51 -6.12
N ILE B 283 -19.11 -18.39 -7.41
CA ILE B 283 -18.18 -17.40 -7.92
C ILE B 283 -19.02 -16.61 -8.90
N ASP B 284 -19.02 -15.28 -8.79
CA ASP B 284 -19.80 -14.45 -9.68
C ASP B 284 -19.58 -14.73 -11.15
N PHE B 285 -20.64 -14.58 -11.93
CA PHE B 285 -20.61 -14.83 -13.35
C PHE B 285 -19.49 -14.09 -14.06
N GLY B 286 -18.80 -14.81 -14.94
CA GLY B 286 -17.70 -14.25 -15.71
C GLY B 286 -16.50 -13.85 -14.87
N GLY B 287 -16.47 -14.29 -13.62
CA GLY B 287 -15.37 -13.93 -12.75
C GLY B 287 -15.37 -12.44 -12.45
N THR B 288 -16.55 -11.84 -12.42
CA THR B 288 -16.67 -10.41 -12.13
C THR B 288 -16.35 -10.11 -10.67
N SER B 289 -16.07 -8.85 -10.40
CA SER B 289 -15.81 -8.36 -9.06
C SER B 289 -17.12 -7.71 -8.69
N VAL B 290 -17.43 -7.64 -7.41
CA VAL B 290 -18.71 -7.08 -7.00
C VAL B 290 -18.65 -6.11 -5.84
N TRP B 291 -19.62 -5.20 -5.80
CA TRP B 291 -19.74 -4.25 -4.72
C TRP B 291 -21.13 -4.49 -4.12
N TYR B 292 -21.23 -4.42 -2.80
CA TYR B 292 -22.48 -4.63 -2.08
C TYR B 292 -22.66 -3.58 -1.02
N HIS B 293 -23.86 -3.04 -0.91
CA HIS B 293 -24.17 -2.06 0.12
C HIS B 293 -25.47 -2.44 0.79
N VAL B 294 -25.41 -2.63 2.11
CA VAL B 294 -26.61 -2.98 2.87
C VAL B 294 -27.30 -1.70 3.36
N LEU B 295 -28.52 -1.45 2.89
CA LEU B 295 -29.28 -0.25 3.29
C LEU B 295 -29.85 -0.47 4.69
N TRP B 296 -30.38 -1.67 4.91
CA TRP B 296 -30.85 -2.08 6.24
C TRP B 296 -30.91 -3.59 6.31
N GLY B 297 -30.72 -4.09 7.53
CA GLY B 297 -30.69 -5.51 7.75
C GLY B 297 -29.25 -5.86 8.02
N GLU B 298 -28.86 -7.10 7.79
CA GLU B 298 -27.50 -7.50 8.02
C GLU B 298 -27.23 -8.72 7.18
N LYS B 299 -26.10 -8.74 6.49
CA LYS B 299 -25.75 -9.89 5.69
C LYS B 299 -24.42 -10.45 6.14
N ILE B 300 -24.27 -11.76 6.03
CA ILE B 300 -23.03 -12.39 6.44
C ILE B 300 -22.45 -13.15 5.26
N PHE B 301 -21.24 -12.78 4.88
CA PHE B 301 -20.55 -13.41 3.76
C PHE B 301 -19.55 -14.42 4.27
N TYR B 302 -19.50 -15.58 3.62
CA TYR B 302 -18.54 -16.61 3.97
C TYR B 302 -17.61 -16.62 2.77
N LEU B 303 -16.40 -16.12 3.01
CA LEU B 303 -15.38 -15.93 1.98
C LEU B 303 -14.28 -16.99 1.90
N ILE B 304 -14.01 -17.45 0.69
CA ILE B 304 -12.99 -18.45 0.44
C ILE B 304 -12.07 -17.97 -0.68
N LYS B 305 -10.79 -17.85 -0.36
CA LYS B 305 -9.75 -17.39 -1.27
C LYS B 305 -9.62 -18.30 -2.51
N PRO B 306 -9.52 -17.69 -3.70
CA PRO B 306 -9.39 -18.40 -4.97
C PRO B 306 -8.02 -19.01 -5.29
N THR B 307 -7.45 -19.75 -4.36
CA THR B 307 -6.17 -20.41 -4.60
C THR B 307 -6.46 -21.48 -5.65
N ASP B 308 -5.41 -22.04 -6.25
CA ASP B 308 -5.60 -23.08 -7.26
C ASP B 308 -6.25 -24.31 -6.67
N GLU B 309 -5.86 -24.65 -5.44
CA GLU B 309 -6.42 -25.80 -4.76
C GLU B 309 -7.91 -25.58 -4.52
N ASN B 310 -8.25 -24.43 -3.96
CA ASN B 310 -9.64 -24.10 -3.67
C ASN B 310 -10.51 -24.08 -4.92
N LEU B 311 -9.99 -23.50 -6.00
CA LEU B 311 -10.75 -23.46 -7.25
C LEU B 311 -11.00 -24.86 -7.78
N ALA B 312 -10.03 -25.74 -7.61
CA ALA B 312 -10.18 -27.12 -8.07
C ALA B 312 -11.26 -27.84 -7.26
N ARG B 313 -11.18 -27.73 -5.94
CA ARG B 313 -12.14 -28.39 -5.07
C ARG B 313 -13.52 -27.81 -5.32
N TYR B 314 -13.56 -26.51 -5.58
CA TYR B 314 -14.82 -25.82 -5.84
C TYR B 314 -15.51 -26.40 -7.08
N GLU B 315 -14.75 -26.61 -8.15
CA GLU B 315 -15.34 -27.15 -9.36
C GLU B 315 -15.78 -28.60 -9.17
N SER B 316 -15.10 -29.34 -8.31
CA SER B 316 -15.49 -30.72 -8.05
C SER B 316 -16.82 -30.72 -7.32
N TRP B 317 -16.87 -29.96 -6.23
CA TRP B 317 -18.07 -29.83 -5.41
C TRP B 317 -19.24 -29.31 -6.23
N SER B 318 -18.97 -28.27 -7.00
CA SER B 318 -19.98 -27.65 -7.83
C SER B 318 -20.60 -28.63 -8.84
N SER B 319 -19.87 -29.68 -9.19
CA SER B 319 -20.37 -30.64 -10.16
C SER B 319 -20.65 -32.00 -9.54
N SER B 320 -20.55 -32.09 -8.22
CA SER B 320 -20.80 -33.36 -7.54
C SER B 320 -22.27 -33.62 -7.34
N VAL B 321 -22.63 -34.90 -7.17
CA VAL B 321 -24.02 -35.28 -6.97
C VAL B 321 -24.50 -34.90 -5.58
N THR B 322 -23.62 -35.00 -4.58
CA THR B 322 -23.98 -34.68 -3.20
C THR B 322 -23.76 -33.22 -2.82
N GLN B 323 -23.60 -32.36 -3.82
CA GLN B 323 -23.37 -30.94 -3.57
C GLN B 323 -24.25 -30.33 -2.50
N SER B 324 -25.56 -30.53 -2.63
CA SER B 324 -26.51 -29.98 -1.68
C SER B 324 -26.33 -30.45 -0.24
N GLU B 325 -25.55 -31.51 -0.05
CA GLU B 325 -25.35 -32.09 1.27
C GLU B 325 -23.98 -31.91 1.89
N VAL B 326 -23.11 -31.18 1.20
CA VAL B 326 -21.76 -30.94 1.69
C VAL B 326 -21.53 -29.44 1.85
N PHE B 327 -21.12 -29.02 3.03
CA PHE B 327 -20.84 -27.62 3.28
C PHE B 327 -19.45 -27.33 2.71
N PHE B 328 -19.39 -26.61 1.59
CA PHE B 328 -18.09 -26.34 0.98
C PHE B 328 -17.10 -25.66 1.91
N GLY B 329 -17.61 -24.97 2.92
CA GLY B 329 -16.74 -24.28 3.86
C GLY B 329 -15.90 -25.27 4.65
N ASP B 330 -16.19 -26.55 4.49
CA ASP B 330 -15.46 -27.58 5.18
C ASP B 330 -14.45 -28.26 4.28
N LYS B 331 -14.51 -27.97 2.99
CA LYS B 331 -13.58 -28.57 2.06
C LYS B 331 -12.33 -27.75 1.78
N VAL B 332 -12.17 -26.63 2.49
CA VAL B 332 -11.01 -25.78 2.29
C VAL B 332 -10.37 -25.46 3.65
N ASP B 333 -9.19 -24.86 3.63
CA ASP B 333 -8.51 -24.54 4.89
C ASP B 333 -9.09 -23.38 5.67
N LYS B 334 -9.47 -22.31 4.98
CA LYS B 334 -10.01 -21.15 5.66
C LYS B 334 -11.27 -20.61 5.00
N CYS B 335 -12.32 -20.46 5.81
CA CYS B 335 -13.58 -19.92 5.35
C CYS B 335 -13.82 -18.75 6.29
N TYR B 336 -13.64 -17.53 5.80
CA TYR B 336 -13.79 -16.34 6.64
C TYR B 336 -15.21 -15.81 6.73
N LYS B 337 -15.61 -15.45 7.95
CA LYS B 337 -16.95 -14.93 8.21
C LYS B 337 -16.89 -13.41 8.25
N CYS B 338 -17.60 -12.77 7.33
CA CYS B 338 -17.63 -11.33 7.24
C CYS B 338 -19.03 -10.73 7.47
N VAL B 339 -19.19 -10.00 8.56
CA VAL B 339 -20.48 -9.39 8.86
C VAL B 339 -20.59 -8.05 8.18
N VAL B 340 -21.62 -7.86 7.37
CA VAL B 340 -21.81 -6.58 6.71
C VAL B 340 -23.07 -5.97 7.30
N LYS B 341 -22.90 -4.98 8.17
CA LYS B 341 -24.03 -4.32 8.80
C LYS B 341 -24.51 -3.16 7.96
N GLN B 342 -25.76 -2.75 8.16
CA GLN B 342 -26.32 -1.66 7.38
C GLN B 342 -25.47 -0.39 7.42
N GLY B 343 -25.34 0.24 6.25
CA GLY B 343 -24.54 1.43 6.11
C GLY B 343 -23.13 1.11 5.57
N HIS B 344 -22.74 -0.16 5.62
CA HIS B 344 -21.43 -0.56 5.16
C HIS B 344 -21.42 -1.01 3.70
N THR B 345 -20.25 -0.90 3.07
CA THR B 345 -20.08 -1.26 1.66
C THR B 345 -18.93 -2.23 1.50
N LEU B 346 -19.16 -3.33 0.79
CA LEU B 346 -18.11 -4.33 0.60
C LEU B 346 -17.81 -4.53 -0.88
N PHE B 347 -16.53 -4.74 -1.19
CA PHE B 347 -16.09 -4.99 -2.56
C PHE B 347 -15.40 -6.35 -2.56
N VAL B 348 -15.85 -7.26 -3.42
CA VAL B 348 -15.26 -8.60 -3.48
C VAL B 348 -14.59 -8.80 -4.82
N PRO B 349 -13.28 -9.12 -4.80
CA PRO B 349 -12.50 -9.33 -6.02
C PRO B 349 -12.69 -10.64 -6.81
N THR B 350 -12.22 -10.58 -8.04
CA THR B 350 -12.29 -11.68 -9.00
C THR B 350 -12.10 -13.08 -8.45
N GLY B 351 -13.03 -13.95 -8.80
CA GLY B 351 -12.93 -15.35 -8.41
C GLY B 351 -13.15 -15.77 -6.98
N TRP B 352 -13.28 -14.84 -6.04
CA TRP B 352 -13.50 -15.27 -4.67
C TRP B 352 -14.76 -16.09 -4.52
N ILE B 353 -14.65 -17.18 -3.76
CA ILE B 353 -15.76 -18.07 -3.53
C ILE B 353 -16.50 -17.62 -2.28
N HIS B 354 -17.80 -17.38 -2.39
CA HIS B 354 -18.56 -16.94 -1.22
C HIS B 354 -20.02 -17.38 -1.15
N ALA B 355 -20.52 -17.52 0.07
CA ALA B 355 -21.89 -17.88 0.35
C ALA B 355 -22.44 -16.69 1.14
N VAL B 356 -23.76 -16.54 1.20
CA VAL B 356 -24.33 -15.41 1.93
C VAL B 356 -25.55 -15.79 2.76
N LEU B 357 -25.55 -15.37 4.01
CA LEU B 357 -26.68 -15.62 4.90
C LEU B 357 -27.32 -14.27 5.28
N THR B 358 -28.63 -14.16 5.08
CA THR B 358 -29.31 -12.93 5.46
C THR B 358 -29.65 -13.03 6.94
N SER B 359 -28.85 -12.36 7.75
CA SER B 359 -28.99 -12.37 9.20
C SER B 359 -30.25 -11.66 9.74
N GLN B 360 -30.78 -10.70 8.99
CA GLN B 360 -31.98 -9.95 9.39
C GLN B 360 -32.70 -9.56 8.11
N ASP B 361 -34.00 -9.23 8.19
CA ASP B 361 -34.71 -8.81 6.98
C ASP B 361 -33.80 -7.78 6.36
N CYS B 362 -33.49 -7.97 5.08
CA CYS B 362 -32.53 -7.09 4.45
C CYS B 362 -32.82 -6.53 3.08
N MET B 363 -32.34 -5.32 2.84
CA MET B 363 -32.44 -4.69 1.52
C MET B 363 -31.03 -4.21 1.21
N ALA B 364 -30.53 -4.59 0.05
CA ALA B 364 -29.17 -4.19 -0.32
C ALA B 364 -29.07 -3.82 -1.79
N PHE B 365 -27.98 -3.17 -2.15
CA PHE B 365 -27.75 -2.77 -3.52
C PHE B 365 -26.36 -3.25 -3.89
N GLY B 366 -26.21 -3.70 -5.12
CA GLY B 366 -24.92 -4.18 -5.57
C GLY B 366 -24.79 -4.19 -7.08
N GLY B 367 -23.60 -4.53 -7.56
CA GLY B 367 -23.39 -4.58 -8.99
C GLY B 367 -22.11 -5.30 -9.30
N ASN B 368 -21.99 -5.76 -10.53
CA ASN B 368 -20.81 -6.49 -10.96
C ASN B 368 -20.01 -5.68 -11.97
N PHE B 369 -18.73 -6.02 -12.12
CA PHE B 369 -17.87 -5.34 -13.07
C PHE B 369 -16.58 -6.10 -13.35
N LEU B 370 -16.10 -6.01 -14.59
CA LEU B 370 -14.87 -6.66 -15.01
C LEU B 370 -13.83 -5.54 -15.13
N HIS B 371 -12.56 -5.87 -15.00
CA HIS B 371 -11.52 -4.85 -15.07
C HIS B 371 -10.17 -5.42 -15.51
N ASN B 372 -9.15 -4.57 -15.60
CA ASN B 372 -7.83 -5.02 -16.05
C ASN B 372 -6.89 -5.55 -14.98
N LEU B 373 -7.25 -5.45 -13.71
CA LEU B 373 -6.34 -5.93 -12.67
C LEU B 373 -6.14 -7.44 -12.56
N ASN B 374 -7.11 -8.23 -12.99
CA ASN B 374 -6.98 -9.70 -12.90
C ASN B 374 -7.64 -10.40 -14.07
N ILE B 375 -7.23 -10.05 -15.28
CA ILE B 375 -7.80 -10.65 -16.48
C ILE B 375 -7.66 -12.16 -16.49
N GLY B 376 -6.46 -12.64 -16.17
CA GLY B 376 -6.23 -14.07 -16.15
C GLY B 376 -7.26 -14.82 -15.34
N MET B 377 -7.46 -14.36 -14.10
CA MET B 377 -8.43 -14.96 -13.19
C MET B 377 -9.82 -14.88 -13.79
N GLN B 378 -10.15 -13.74 -14.40
CA GLN B 378 -11.46 -13.57 -15.03
C GLN B 378 -11.66 -14.63 -16.11
N LEU B 379 -10.66 -14.80 -16.96
CA LEU B 379 -10.74 -15.79 -18.03
C LEU B 379 -10.83 -17.20 -17.44
N ARG B 380 -10.06 -17.46 -16.39
CA ARG B 380 -10.09 -18.76 -15.74
C ARG B 380 -11.50 -19.11 -15.30
N CYS B 381 -12.18 -18.13 -14.69
CA CYS B 381 -13.53 -18.35 -14.20
C CYS B 381 -14.51 -18.59 -15.34
N TYR B 382 -14.32 -17.88 -16.46
CA TYR B 382 -15.20 -18.05 -17.61
C TYR B 382 -15.13 -19.48 -18.12
N GLU B 383 -13.91 -20.01 -18.23
CA GLU B 383 -13.70 -21.37 -18.71
C GLU B 383 -14.30 -22.40 -17.78
N MET B 384 -14.24 -22.16 -16.48
CA MET B 384 -14.79 -23.08 -15.51
C MET B 384 -16.30 -23.19 -15.68
N GLU B 385 -16.93 -22.07 -16.03
CA GLU B 385 -18.36 -22.03 -16.24
C GLU B 385 -18.75 -22.86 -17.45
N LYS B 386 -17.94 -22.80 -18.51
CA LYS B 386 -18.19 -23.58 -19.71
C LYS B 386 -18.15 -25.07 -19.36
N ARG B 387 -17.10 -25.48 -18.66
CA ARG B 387 -16.98 -26.87 -18.27
C ARG B 387 -18.17 -27.31 -17.41
N LEU B 388 -18.45 -26.56 -16.35
CA LEU B 388 -19.56 -26.89 -15.47
C LEU B 388 -20.91 -26.84 -16.19
N LYS B 389 -20.89 -26.50 -17.48
CA LYS B 389 -22.11 -26.41 -18.27
C LYS B 389 -23.12 -25.45 -17.63
N THR B 390 -22.62 -24.30 -17.19
CA THR B 390 -23.46 -23.29 -16.57
C THR B 390 -24.41 -22.69 -17.61
N PRO B 391 -25.72 -22.70 -17.29
CA PRO B 391 -26.78 -22.17 -18.17
C PRO B 391 -26.53 -20.74 -18.62
N ASP B 392 -26.81 -20.46 -19.90
CA ASP B 392 -26.60 -19.13 -20.46
C ASP B 392 -27.15 -17.99 -19.58
N LEU B 393 -28.28 -18.24 -18.93
CA LEU B 393 -28.91 -17.23 -18.07
C LEU B 393 -28.12 -16.88 -16.80
N PHE B 394 -27.12 -17.69 -16.48
CA PHE B 394 -26.31 -17.45 -15.28
C PHE B 394 -24.88 -16.98 -15.59
N LYS B 395 -24.69 -16.37 -16.75
CA LYS B 395 -23.37 -15.90 -17.13
C LYS B 395 -23.35 -14.45 -17.57
N PHE B 396 -22.15 -13.86 -17.59
CA PHE B 396 -21.99 -12.47 -18.03
C PHE B 396 -22.43 -12.49 -19.50
N PRO B 397 -23.47 -11.71 -19.84
CA PRO B 397 -24.02 -11.62 -21.20
C PRO B 397 -23.08 -11.88 -22.40
N PHE B 398 -22.34 -10.87 -22.84
CA PHE B 398 -21.45 -11.05 -23.98
C PHE B 398 -19.99 -11.01 -23.56
N PHE B 399 -19.60 -11.97 -22.72
CA PHE B 399 -18.25 -12.05 -22.20
C PHE B 399 -17.17 -11.99 -23.27
N GLU B 400 -17.26 -12.85 -24.27
CA GLU B 400 -16.25 -12.88 -25.32
C GLU B 400 -16.33 -11.62 -26.16
N ALA B 401 -17.55 -11.13 -26.36
CA ALA B 401 -17.74 -9.91 -27.13
C ALA B 401 -16.93 -8.80 -26.49
N ILE B 402 -17.10 -8.63 -25.18
CA ILE B 402 -16.36 -7.59 -24.48
C ILE B 402 -14.86 -7.87 -24.44
N CYS B 403 -14.48 -9.14 -24.47
CA CYS B 403 -13.06 -9.50 -24.46
C CYS B 403 -12.37 -9.03 -25.73
N TRP B 404 -13.09 -9.08 -26.85
CA TRP B 404 -12.53 -8.63 -28.12
C TRP B 404 -12.35 -7.12 -28.06
N PHE B 405 -13.41 -6.42 -27.64
CA PHE B 405 -13.37 -4.96 -27.52
C PHE B 405 -12.18 -4.52 -26.67
N VAL B 406 -12.04 -5.14 -25.50
CA VAL B 406 -10.96 -4.81 -24.57
C VAL B 406 -9.59 -5.03 -25.19
N ALA B 407 -9.41 -6.18 -25.84
CA ALA B 407 -8.14 -6.52 -26.48
C ALA B 407 -7.79 -5.48 -27.55
N LYS B 408 -8.79 -5.11 -28.33
CA LYS B 408 -8.61 -4.13 -29.38
C LYS B 408 -8.14 -2.80 -28.77
N ASN B 409 -8.74 -2.44 -27.63
CA ASN B 409 -8.40 -1.21 -26.92
C ASN B 409 -7.05 -1.28 -26.22
N LEU B 410 -6.74 -2.41 -25.61
CA LEU B 410 -5.47 -2.55 -24.91
C LEU B 410 -4.30 -2.58 -25.88
N LEU B 411 -4.54 -3.04 -27.10
CA LEU B 411 -3.48 -3.09 -28.10
C LEU B 411 -3.02 -1.67 -28.38
N GLU B 412 -3.98 -0.76 -28.54
CA GLU B 412 -3.70 0.64 -28.80
C GLU B 412 -3.07 1.30 -27.58
N THR B 413 -3.61 1.04 -26.41
CA THR B 413 -3.09 1.63 -25.18
C THR B 413 -1.64 1.18 -24.99
N LEU B 414 -1.32 -0.03 -25.45
CA LEU B 414 0.04 -0.55 -25.33
C LEU B 414 0.98 0.10 -26.33
N LYS B 415 0.49 0.37 -27.53
CA LYS B 415 1.32 1.01 -28.55
C LYS B 415 1.65 2.42 -28.07
N GLU B 416 0.61 3.20 -27.83
CA GLU B 416 0.77 4.58 -27.37
C GLU B 416 1.75 4.66 -26.21
N LEU B 417 1.68 3.71 -25.28
CA LEU B 417 2.58 3.68 -24.13
C LEU B 417 4.04 3.55 -24.53
N ARG B 418 4.32 2.65 -25.47
CA ARG B 418 5.69 2.44 -25.94
C ARG B 418 6.10 3.59 -26.86
N GLU B 419 5.11 4.22 -27.50
CA GLU B 419 5.35 5.35 -28.40
C GLU B 419 5.41 6.65 -27.61
N ASP B 420 5.93 6.56 -26.39
CA ASP B 420 6.06 7.71 -25.49
C ASP B 420 7.11 7.41 -24.42
N GLY B 421 7.94 6.41 -24.67
CA GLY B 421 8.98 6.04 -23.73
C GLY B 421 8.47 5.63 -22.36
N PHE B 422 7.54 4.68 -22.35
CA PHE B 422 6.97 4.18 -21.10
C PHE B 422 6.91 2.66 -21.04
N GLN B 423 7.15 2.13 -19.85
CA GLN B 423 7.12 0.70 -19.61
C GLN B 423 5.77 0.27 -19.06
N PRO B 424 4.95 -0.43 -19.85
CA PRO B 424 3.63 -0.87 -19.38
C PRO B 424 3.77 -1.61 -18.05
N GLN B 425 2.77 -1.45 -17.18
CA GLN B 425 2.81 -2.11 -15.88
C GLN B 425 2.72 -3.63 -16.00
N THR B 426 3.50 -4.31 -15.16
CA THR B 426 3.57 -5.76 -15.15
C THR B 426 2.22 -6.48 -15.21
N TYR B 427 1.30 -6.09 -14.35
CA TYR B 427 -0.01 -6.74 -14.31
C TYR B 427 -0.72 -6.60 -15.66
N LEU B 428 -0.63 -5.43 -16.27
CA LEU B 428 -1.27 -5.20 -17.56
C LEU B 428 -0.64 -6.05 -18.65
N VAL B 429 0.67 -6.23 -18.56
CA VAL B 429 1.39 -7.06 -19.52
C VAL B 429 0.91 -8.49 -19.35
N GLN B 430 1.01 -9.00 -18.12
CA GLN B 430 0.59 -10.36 -17.82
C GLN B 430 -0.88 -10.55 -18.17
N GLY B 431 -1.66 -9.47 -18.08
CA GLY B 431 -3.06 -9.54 -18.39
C GLY B 431 -3.32 -9.61 -19.88
N VAL B 432 -2.76 -8.69 -20.64
CA VAL B 432 -2.92 -8.68 -22.09
C VAL B 432 -2.43 -10.02 -22.63
N LYS B 433 -1.38 -10.56 -22.02
CA LYS B 433 -0.83 -11.83 -22.43
C LYS B 433 -1.89 -12.91 -22.29
N ALA B 434 -2.47 -13.01 -21.10
CA ALA B 434 -3.51 -14.00 -20.82
C ALA B 434 -4.67 -13.87 -21.81
N LEU B 435 -4.98 -12.63 -22.18
CA LEU B 435 -6.06 -12.36 -23.12
C LEU B 435 -5.67 -12.85 -24.52
N HIS B 436 -4.37 -12.82 -24.80
CA HIS B 436 -3.86 -13.28 -26.09
C HIS B 436 -4.09 -14.78 -26.19
N THR B 437 -3.61 -15.52 -25.19
CA THR B 437 -3.76 -16.96 -25.16
C THR B 437 -5.21 -17.38 -25.32
N ALA B 438 -6.10 -16.65 -24.64
CA ALA B 438 -7.52 -16.96 -24.70
C ALA B 438 -8.04 -16.76 -26.12
N LEU B 439 -7.77 -15.59 -26.68
CA LEU B 439 -8.20 -15.26 -28.03
C LEU B 439 -7.69 -16.28 -29.04
N LYS B 440 -6.38 -16.50 -29.07
CA LYS B 440 -5.78 -17.45 -29.99
C LYS B 440 -6.53 -18.78 -29.93
N LEU B 441 -6.82 -19.22 -28.71
CA LEU B 441 -7.53 -20.46 -28.49
C LEU B 441 -8.94 -20.49 -29.08
N TRP B 442 -9.70 -19.41 -28.89
CA TRP B 442 -11.06 -19.33 -29.41
C TRP B 442 -11.15 -19.39 -30.92
N MET B 443 -10.02 -19.38 -31.61
CA MET B 443 -10.01 -19.41 -33.06
C MET B 443 -9.64 -20.78 -33.63
N LYS B 444 -8.95 -21.59 -32.82
CA LYS B 444 -8.54 -22.92 -33.26
C LYS B 444 -9.61 -23.55 -34.13
N LYS B 445 -9.19 -24.11 -35.27
CA LYS B 445 -10.08 -24.74 -36.24
C LYS B 445 -11.38 -25.31 -35.67
N GLU B 446 -11.26 -26.34 -34.85
CA GLU B 446 -12.43 -26.99 -34.24
C GLU B 446 -13.30 -26.05 -33.39
N LEU B 447 -12.66 -25.08 -32.73
CA LEU B 447 -13.38 -24.16 -31.86
C LEU B 447 -14.05 -22.97 -32.56
N VAL B 448 -13.28 -22.24 -33.37
CA VAL B 448 -13.76 -21.06 -34.08
C VAL B 448 -15.26 -21.04 -34.41
N SER B 449 -15.82 -22.19 -34.76
CA SER B 449 -17.23 -22.29 -35.11
C SER B 449 -18.21 -21.87 -34.01
N GLU B 450 -17.74 -21.74 -32.78
CA GLU B 450 -18.61 -21.35 -31.66
C GLU B 450 -18.48 -19.89 -31.28
N HIS B 451 -17.25 -19.47 -30.98
CA HIS B 451 -16.96 -18.10 -30.60
C HIS B 451 -17.03 -17.20 -31.84
N ALA B 452 -17.97 -17.52 -32.73
CA ALA B 452 -18.15 -16.79 -33.98
C ALA B 452 -19.17 -15.67 -33.83
N PHE B 453 -20.41 -16.03 -33.51
CA PHE B 453 -21.47 -15.05 -33.35
C PHE B 453 -21.11 -14.05 -32.25
N GLU B 454 -20.00 -14.30 -31.57
CA GLU B 454 -19.54 -13.43 -30.50
C GLU B 454 -18.59 -12.33 -30.97
N ILE B 455 -17.73 -12.66 -31.94
CA ILE B 455 -16.78 -11.68 -32.45
C ILE B 455 -17.50 -10.47 -33.01
N PRO B 456 -17.27 -9.28 -32.42
CA PRO B 456 -17.91 -8.03 -32.86
C PRO B 456 -17.68 -7.77 -34.33
N ASP B 457 -18.71 -7.22 -34.98
CA ASP B 457 -18.66 -6.93 -36.41
C ASP B 457 -17.65 -5.87 -36.88
N ASN B 458 -16.72 -5.46 -36.03
CA ASN B 458 -15.76 -4.45 -36.47
C ASN B 458 -14.30 -4.70 -36.10
N VAL B 459 -13.95 -5.95 -35.78
CA VAL B 459 -12.57 -6.26 -35.43
C VAL B 459 -12.04 -7.39 -36.29
N ARG B 460 -10.76 -7.33 -36.62
CA ARG B 460 -10.15 -8.37 -37.43
C ARG B 460 -9.44 -9.36 -36.53
N PRO B 461 -10.13 -10.47 -36.19
CA PRO B 461 -9.64 -11.55 -35.33
C PRO B 461 -8.17 -11.86 -35.51
N GLY B 462 -7.85 -12.53 -36.61
CA GLY B 462 -6.48 -12.91 -36.89
C GLY B 462 -5.53 -11.74 -36.87
N HIS B 463 -5.91 -10.65 -37.51
CA HIS B 463 -5.06 -9.46 -37.55
C HIS B 463 -4.75 -9.03 -36.12
N LEU B 464 -5.81 -8.93 -35.32
CA LEU B 464 -5.70 -8.52 -33.93
C LEU B 464 -4.77 -9.42 -33.13
N ILE B 465 -5.03 -10.72 -33.15
CA ILE B 465 -4.19 -11.64 -32.42
C ILE B 465 -2.73 -11.49 -32.83
N LYS B 466 -2.50 -11.26 -34.12
CA LYS B 466 -1.15 -11.11 -34.65
C LYS B 466 -0.48 -9.85 -34.13
N GLU B 467 -1.17 -8.72 -34.28
CA GLU B 467 -0.63 -7.44 -33.83
C GLU B 467 -0.35 -7.48 -32.33
N LEU B 468 -1.10 -8.31 -31.61
CA LEU B 468 -0.91 -8.44 -30.16
C LEU B 468 0.38 -9.18 -29.85
N SER B 469 0.51 -10.39 -30.40
CA SER B 469 1.69 -11.21 -30.20
C SER B 469 2.94 -10.39 -30.49
N LYS B 470 2.89 -9.60 -31.56
CA LYS B 470 4.02 -8.76 -31.94
C LYS B 470 4.42 -7.81 -30.83
N VAL B 471 3.46 -6.99 -30.37
CA VAL B 471 3.72 -6.03 -29.31
C VAL B 471 4.19 -6.71 -28.02
N ILE B 472 3.58 -7.85 -27.71
CA ILE B 472 3.96 -8.59 -26.52
C ILE B 472 5.41 -9.00 -26.66
N ARG B 473 5.78 -9.43 -27.86
CA ARG B 473 7.14 -9.86 -28.16
C ARG B 473 8.15 -8.72 -28.00
N ALA B 474 7.74 -7.52 -28.40
CA ALA B 474 8.61 -6.36 -28.29
C ALA B 474 8.90 -6.06 -26.82
N ILE B 475 7.84 -5.87 -26.04
CA ILE B 475 7.98 -5.58 -24.62
C ILE B 475 8.76 -6.69 -23.92
N GLU B 476 8.52 -7.93 -24.36
CA GLU B 476 9.21 -9.07 -23.78
C GLU B 476 10.68 -9.13 -24.21
N GLU B 477 11.08 -8.24 -25.11
CA GLU B 477 12.45 -8.18 -25.61
C GLU B 477 13.15 -6.92 -25.11
N GLU B 478 12.61 -5.76 -25.50
CA GLU B 478 13.18 -4.47 -25.11
C GLU B 478 12.88 -4.10 -23.65
N ASN B 479 12.96 -5.11 -22.77
CA ASN B 479 12.70 -4.90 -21.35
C ASN B 479 13.39 -5.98 -20.51
#